data_5T45
#
_entry.id   5T45
#
_cell.length_a   72.940
_cell.length_b   202.170
_cell.length_c   67.020
_cell.angle_alpha   90.00
_cell.angle_beta   90.00
_cell.angle_gamma   90.00
#
_symmetry.space_group_name_H-M   'P 21 21 2'
#
loop_
_entity.id
_entity.type
_entity.pdbx_description
1 polymer Myosin-11
2 non-polymer 4-{[(2-chloro-3-fluorobenzyl)carbamoyl](methyl)amino}-3,4-dideoxy-5-O-(isoquinolin-3-ylcarbamoyl)-D-erythro-pentitol
3 non-polymer 'MAGNESIUM ION'
4 non-polymer 'BERYLLIUM TRIFLUORIDE ION'
5 non-polymer "ADENOSINE-5'-DIPHOSPHATE"
6 non-polymer GLYCEROL
7 non-polymer BICINE
8 water water
#
_entity_poly.entity_id   1
_entity_poly.type   'polypeptide(L)'
_entity_poly.pdbx_seq_one_letter_code
;MAQKPLSDDEKFLFVDKNFVNNPLAQADWSAKKLVWVPSEKHGFEAASIKEEKGDEVTVELQENGKKVTLSKDDIQKMNP
PKFSKVEDMAELTCLNEASVLHNLRERYFSGLIYTYSGLFCVVINPYKQLPIYSEKIIDMYKGKKRHEMPPHIYAIADTA
YRSMLQDREDQSILCTGESGAGKTENTKKVIQYLAVVASSHKGKRTPASLKVHLFPYGELEKQLLQANPILEAFGNAKTV
KNDNSSRFGKFIRINFDVTGYIVGANIETYLLEKSRAIRQAKDERTFHIFYYLIAGASEQMRNDLLLEGFNNYTFLSNGH
VPIPAQQDDEMFQETLEAMTIMGFTEEEQTSILRVVSSVLQLGNIVFKKERNTDQASMPDNTAAQKVCHLMGINVTDFTR
SILTPRIKVGRDVVQKAQTKEQADFAIEALAKAKFERLFRWILTRVNKALDKTKRQGASFLGILDIAGFEIFEINSFEQL
CINYTNEKLQQLFNHTMFILEQEEYQREGIEWNFIDFGLDLQPCIELIERPTNPPGVLALLDEECWFPKATDTSFVEKLI
QEQGNHAKFQKSKQLKDKTEFCILHYAGKVTYNASAWLTKNMDPLNDNVTSLLNQSSDKFVADLWKDVDRIVGLDQMAKM
TESSLPSASKTKKGMFRTVGQLYKEQLTKLMTTLRNTNPNFVRCIIPNHEKRAGKLDAHLVLEQLRCNGVLEGIRICRQG
FPNRIVFQEFRQRYEILAANAIPKGFMDGKQACILMIKALELDPNLYRIGQSKIFFRTGVLAHLEEERDLGSDYKDDDDK
;
_entity_poly.pdbx_strand_id   A
#
# COMPACT_ATOMS: atom_id res chain seq x y z
N LYS A 33 19.37 35.83 -11.50
CA LYS A 33 18.71 36.38 -10.32
C LYS A 33 17.36 35.71 -10.02
N LEU A 34 17.19 34.41 -10.40
CA LEU A 34 15.97 33.64 -10.19
C LEU A 34 16.05 32.64 -9.03
N VAL A 35 14.94 32.58 -8.22
CA VAL A 35 14.84 31.74 -7.02
C VAL A 35 13.46 31.07 -6.82
N TRP A 36 13.38 30.07 -5.91
CA TRP A 36 12.13 29.40 -5.52
C TRP A 36 11.61 30.00 -4.21
N VAL A 37 10.34 30.43 -4.20
CA VAL A 37 9.67 31.00 -3.03
C VAL A 37 8.41 30.16 -2.71
N PRO A 38 7.95 30.07 -1.43
CA PRO A 38 6.73 29.31 -1.16
C PRO A 38 5.51 29.93 -1.84
N SER A 39 4.60 29.08 -2.36
CA SER A 39 3.40 29.52 -3.10
C SER A 39 2.17 28.76 -2.61
N GLU A 40 1.11 29.51 -2.25
CA GLU A 40 -0.16 28.94 -1.78
C GLU A 40 -0.88 28.10 -2.84
N LYS A 41 -0.75 28.48 -4.12
CA LYS A 41 -1.33 27.79 -5.27
C LYS A 41 -0.46 26.63 -5.76
N HIS A 42 0.82 26.91 -6.09
CA HIS A 42 1.75 25.97 -6.73
C HIS A 42 2.74 25.19 -5.82
N GLY A 43 2.66 25.40 -4.51
CA GLY A 43 3.57 24.77 -3.54
C GLY A 43 4.78 25.68 -3.37
N PHE A 44 5.49 25.86 -4.52
CA PHE A 44 6.67 26.69 -4.74
C PHE A 44 6.51 27.38 -6.12
N GLU A 45 7.16 28.53 -6.32
CA GLU A 45 7.04 29.29 -7.56
C GLU A 45 8.28 30.13 -7.84
N ALA A 46 8.65 30.27 -9.13
CA ALA A 46 9.80 31.08 -9.56
C ALA A 46 9.52 32.53 -9.29
N ALA A 47 10.55 33.25 -8.84
CA ALA A 47 10.51 34.67 -8.52
C ALA A 47 11.92 35.23 -8.53
N SER A 48 12.05 36.56 -8.70
CA SER A 48 13.36 37.24 -8.74
C SER A 48 13.53 38.25 -7.62
N ILE A 49 14.68 38.15 -6.94
CA ILE A 49 15.05 39.04 -5.83
C ILE A 49 15.33 40.48 -6.34
N LYS A 50 14.43 41.41 -5.99
CA LYS A 50 14.49 42.82 -6.38
C LYS A 50 15.25 43.65 -5.35
N GLU A 51 15.04 43.38 -4.06
CA GLU A 51 15.74 44.07 -2.99
C GLU A 51 15.89 43.17 -1.76
N GLU A 52 17.04 43.33 -1.08
CA GLU A 52 17.46 42.64 0.13
C GLU A 52 17.67 43.72 1.20
N LYS A 53 17.35 43.40 2.47
CA LYS A 53 17.52 44.29 3.62
C LYS A 53 17.55 43.43 4.87
N GLY A 54 18.71 42.83 5.11
CA GLY A 54 18.98 41.96 6.25
C GLY A 54 18.40 40.59 6.01
N ASP A 55 17.46 40.16 6.86
CA ASP A 55 16.78 38.88 6.70
C ASP A 55 15.65 39.04 5.68
N GLU A 56 15.05 40.24 5.64
CA GLU A 56 13.96 40.62 4.74
C GLU A 56 14.40 40.60 3.29
N VAL A 57 13.64 39.91 2.43
CA VAL A 57 13.90 39.83 0.98
C VAL A 57 12.59 40.12 0.23
N THR A 58 12.65 41.05 -0.73
CA THR A 58 11.52 41.46 -1.57
C THR A 58 11.72 40.86 -2.96
N VAL A 59 10.84 39.90 -3.29
CA VAL A 59 10.82 39.12 -4.51
C VAL A 59 9.73 39.63 -5.48
N GLU A 60 9.86 39.30 -6.78
CA GLU A 60 8.91 39.64 -7.84
C GLU A 60 8.60 38.34 -8.55
N LEU A 61 7.36 37.85 -8.38
CA LEU A 61 6.86 36.58 -8.93
C LEU A 61 6.97 36.47 -10.45
N GLN A 62 7.79 35.54 -10.95
CA GLN A 62 8.04 35.31 -12.38
C GLN A 62 6.79 34.89 -13.18
N GLU A 63 5.59 34.86 -12.54
CA GLU A 63 4.32 34.47 -13.15
C GLU A 63 3.42 35.66 -13.42
N ASN A 64 3.11 36.46 -12.38
CA ASN A 64 2.21 37.61 -12.49
C ASN A 64 2.89 38.97 -12.20
N GLY A 65 4.14 38.94 -11.73
CA GLY A 65 4.94 40.12 -11.42
C GLY A 65 4.70 40.73 -10.04
N LYS A 66 3.74 40.15 -9.28
CA LYS A 66 3.37 40.59 -7.93
C LYS A 66 4.55 40.60 -6.97
N LYS A 67 4.77 41.73 -6.28
CA LYS A 67 5.84 41.92 -5.29
C LYS A 67 5.50 41.11 -4.05
N VAL A 68 6.49 40.40 -3.47
CA VAL A 68 6.29 39.59 -2.25
C VAL A 68 7.52 39.76 -1.35
N THR A 69 7.32 40.28 -0.15
CA THR A 69 8.39 40.40 0.85
C THR A 69 8.29 39.16 1.75
N LEU A 70 9.42 38.47 1.97
CA LEU A 70 9.52 37.27 2.81
C LEU A 70 10.94 37.08 3.35
N SER A 71 11.10 36.16 4.32
CA SER A 71 12.38 35.89 4.97
C SER A 71 13.39 35.17 4.07
N LYS A 72 14.68 35.42 4.33
CA LYS A 72 15.79 34.76 3.63
C LYS A 72 15.70 33.26 3.77
N ASP A 73 15.22 32.75 4.93
CA ASP A 73 15.10 31.31 5.25
C ASP A 73 13.95 30.56 4.54
N ASP A 74 12.97 31.27 3.94
CA ASP A 74 11.83 30.70 3.19
C ASP A 74 12.23 30.53 1.71
N ILE A 75 13.27 31.27 1.29
CA ILE A 75 13.87 31.30 -0.05
C ILE A 75 14.62 30.00 -0.27
N GLN A 76 14.38 29.36 -1.41
CA GLN A 76 15.05 28.11 -1.76
C GLN A 76 15.83 28.23 -3.07
N LYS A 77 17.13 27.85 -3.03
CA LYS A 77 18.00 27.91 -4.21
C LYS A 77 17.46 27.00 -5.34
N MET A 78 17.52 27.54 -6.57
CA MET A 78 17.04 26.95 -7.82
C MET A 78 18.21 26.28 -8.58
N ASN A 79 17.93 25.18 -9.30
CA ASN A 79 18.92 24.44 -10.09
C ASN A 79 19.16 25.01 -11.50
N PRO A 80 20.38 24.82 -12.06
CA PRO A 80 20.63 25.27 -13.45
C PRO A 80 19.66 24.62 -14.46
N PRO A 81 19.32 25.29 -15.58
CA PRO A 81 18.39 24.68 -16.56
C PRO A 81 18.87 23.37 -17.19
N LYS A 82 20.19 23.02 -17.04
CA LYS A 82 20.77 21.77 -17.52
C LYS A 82 20.21 20.53 -16.76
N PHE A 83 19.37 20.79 -15.72
CA PHE A 83 18.72 19.80 -14.87
C PHE A 83 17.24 19.64 -15.17
N SER A 84 16.77 20.27 -16.26
CA SER A 84 15.37 20.19 -16.67
C SER A 84 14.98 18.73 -16.88
N LYS A 85 14.00 18.27 -16.12
CA LYS A 85 13.46 16.91 -16.17
C LYS A 85 14.55 15.84 -15.93
N VAL A 86 15.44 16.08 -14.94
CA VAL A 86 16.53 15.16 -14.57
C VAL A 86 15.94 13.79 -14.16
N GLU A 87 16.44 12.71 -14.77
CA GLU A 87 15.95 11.33 -14.58
C GLU A 87 16.21 10.76 -13.18
N ASP A 88 17.33 11.18 -12.56
CA ASP A 88 17.73 10.81 -11.21
C ASP A 88 17.99 12.10 -10.46
N MET A 89 17.14 12.41 -9.46
CA MET A 89 17.21 13.62 -8.66
C MET A 89 18.41 13.68 -7.70
N ALA A 90 19.18 12.57 -7.58
CA ALA A 90 20.42 12.54 -6.79
C ALA A 90 21.51 13.38 -7.51
N GLU A 91 21.29 13.62 -8.83
CA GLU A 91 22.13 14.42 -9.74
C GLU A 91 22.03 15.94 -9.51
N LEU A 92 20.96 16.40 -8.83
CA LEU A 92 20.75 17.83 -8.53
C LEU A 92 21.83 18.40 -7.60
N THR A 93 22.35 19.58 -7.98
CA THR A 93 23.41 20.24 -7.22
C THR A 93 22.85 20.90 -5.93
N CYS A 94 21.64 21.50 -6.04
N CYS A 94 21.67 21.54 -5.98
CA CYS A 94 20.86 22.12 -4.98
CA CYS A 94 21.07 22.09 -4.74
C CYS A 94 19.73 21.14 -4.63
C CYS A 94 19.77 21.33 -4.44
N LEU A 95 19.90 20.33 -3.58
CA LEU A 95 18.86 19.40 -3.16
C LEU A 95 17.91 20.10 -2.16
N ASN A 96 16.68 20.40 -2.61
CA ASN A 96 15.65 21.04 -1.78
C ASN A 96 14.23 20.62 -2.22
N GLU A 97 13.22 20.77 -1.30
CA GLU A 97 11.80 20.44 -1.55
C GLU A 97 11.32 21.06 -2.87
N ALA A 98 11.57 22.39 -3.03
CA ALA A 98 11.22 23.22 -4.19
C ALA A 98 11.79 22.68 -5.51
N SER A 99 13.10 22.32 -5.52
CA SER A 99 13.78 21.73 -6.70
C SER A 99 13.23 20.35 -7.04
N VAL A 100 13.07 19.45 -6.03
CA VAL A 100 12.51 18.10 -6.22
C VAL A 100 11.10 18.20 -6.77
N LEU A 101 10.21 18.95 -6.09
CA LEU A 101 8.83 19.17 -6.54
C LEU A 101 8.77 19.63 -8.02
N HIS A 102 9.57 20.66 -8.37
CA HIS A 102 9.59 21.15 -9.74
C HIS A 102 10.07 20.07 -10.71
N ASN A 103 11.03 19.22 -10.29
CA ASN A 103 11.55 18.18 -11.18
C ASN A 103 10.50 17.15 -11.53
N LEU A 104 9.66 16.78 -10.55
CA LEU A 104 8.57 15.82 -10.71
C LEU A 104 7.47 16.44 -11.55
N ARG A 105 7.17 17.74 -11.31
CA ARG A 105 6.14 18.50 -12.05
C ARG A 105 6.51 18.58 -13.52
N GLU A 106 7.74 19.04 -13.83
CA GLU A 106 8.26 19.12 -15.20
C GLU A 106 8.13 17.78 -15.97
N ARG A 107 8.52 16.67 -15.31
CA ARG A 107 8.47 15.35 -15.88
C ARG A 107 7.04 14.94 -16.11
N TYR A 108 6.17 15.07 -15.07
CA TYR A 108 4.75 14.68 -15.13
C TYR A 108 4.02 15.23 -16.33
N PHE A 109 4.21 16.52 -16.65
CA PHE A 109 3.52 17.17 -17.76
C PHE A 109 4.13 16.84 -19.12
N SER A 110 5.34 16.23 -19.15
CA SER A 110 6.04 15.83 -20.37
C SER A 110 5.70 14.39 -20.74
N GLY A 111 4.85 13.76 -19.93
CA GLY A 111 4.43 12.38 -20.10
C GLY A 111 5.24 11.44 -19.24
N LEU A 112 6.33 11.94 -18.63
CA LEU A 112 7.25 11.18 -17.77
C LEU A 112 6.74 10.99 -16.32
N ILE A 113 6.13 9.82 -16.05
CA ILE A 113 5.55 9.49 -14.74
C ILE A 113 6.55 8.87 -13.78
N TYR A 114 7.71 8.37 -14.28
CA TYR A 114 8.74 7.79 -13.40
C TYR A 114 9.94 8.72 -13.23
N THR A 115 10.43 8.82 -11.99
CA THR A 115 11.62 9.61 -11.63
C THR A 115 12.35 8.90 -10.51
N TYR A 116 13.66 8.71 -10.68
CA TYR A 116 14.51 8.11 -9.65
C TYR A 116 14.87 9.21 -8.66
N SER A 117 14.85 8.89 -7.37
CA SER A 117 15.16 9.84 -6.31
C SER A 117 16.36 9.31 -5.50
N GLY A 118 17.45 9.03 -6.20
CA GLY A 118 18.68 8.50 -5.63
C GLY A 118 18.67 7.02 -5.35
N LEU A 119 18.19 6.63 -4.16
CA LEU A 119 18.13 5.23 -3.71
C LEU A 119 16.72 4.60 -3.84
N PHE A 120 15.72 5.40 -4.24
CA PHE A 120 14.36 4.92 -4.42
C PHE A 120 13.68 5.56 -5.63
N CYS A 121 12.44 5.12 -5.97
CA CYS A 121 11.71 5.58 -7.14
C CYS A 121 10.37 6.21 -6.81
N VAL A 122 9.95 7.19 -7.65
CA VAL A 122 8.70 7.95 -7.52
C VAL A 122 7.84 7.78 -8.77
N VAL A 123 6.53 7.46 -8.58
CA VAL A 123 5.55 7.29 -9.67
C VAL A 123 4.28 8.14 -9.45
N ILE A 124 4.05 9.12 -10.36
CA ILE A 124 2.85 9.95 -10.30
C ILE A 124 1.80 9.42 -11.30
N ASN A 125 0.69 8.92 -10.76
CA ASN A 125 -0.45 8.38 -11.52
C ASN A 125 -0.88 9.34 -12.65
N PRO A 126 -0.78 8.91 -13.94
CA PRO A 126 -1.18 9.82 -15.03
C PRO A 126 -2.70 9.96 -15.21
N TYR A 127 -3.49 8.95 -14.75
CA TYR A 127 -4.96 8.84 -14.85
C TYR A 127 -5.43 8.75 -16.32
N LYS A 128 -4.48 8.35 -17.19
CA LYS A 128 -4.62 8.14 -18.63
C LYS A 128 -3.67 7.04 -19.05
N GLN A 129 -4.02 6.35 -20.14
CA GLN A 129 -3.22 5.26 -20.67
C GLN A 129 -1.99 5.82 -21.37
N LEU A 130 -0.80 5.42 -20.94
CA LEU A 130 0.46 5.83 -21.56
C LEU A 130 1.04 4.70 -22.44
N PRO A 131 1.73 5.04 -23.55
CA PRO A 131 2.23 3.97 -24.44
C PRO A 131 3.50 3.25 -23.98
N ILE A 132 3.93 3.47 -22.73
CA ILE A 132 5.16 2.96 -22.11
C ILE A 132 5.12 1.49 -21.62
N TYR A 133 4.03 0.73 -21.86
CA TYR A 133 3.99 -0.64 -21.36
C TYR A 133 3.83 -1.76 -22.42
N SER A 134 4.35 -1.52 -23.66
CA SER A 134 4.30 -2.46 -24.80
C SER A 134 5.34 -3.59 -24.72
N GLU A 135 5.34 -4.49 -25.75
CA GLU A 135 6.29 -5.60 -25.89
C GLU A 135 7.67 -5.11 -26.31
N LYS A 136 7.73 -4.03 -27.10
CA LYS A 136 8.99 -3.43 -27.54
C LYS A 136 9.75 -2.86 -26.34
N ILE A 137 9.04 -2.15 -25.41
CA ILE A 137 9.58 -1.53 -24.19
C ILE A 137 10.10 -2.59 -23.19
N ILE A 138 9.37 -3.71 -23.01
CA ILE A 138 9.81 -4.82 -22.17
C ILE A 138 11.19 -5.30 -22.65
N ASP A 139 11.34 -5.59 -23.96
CA ASP A 139 12.57 -6.07 -24.57
C ASP A 139 13.73 -5.09 -24.50
N MET A 140 13.42 -3.78 -24.51
CA MET A 140 14.39 -2.69 -24.42
C MET A 140 15.07 -2.63 -23.05
N TYR A 141 14.36 -2.97 -21.96
CA TYR A 141 14.86 -2.95 -20.57
C TYR A 141 15.58 -4.25 -20.16
N LYS A 142 15.55 -5.29 -21.01
CA LYS A 142 16.18 -6.58 -20.77
C LYS A 142 17.69 -6.40 -20.55
N GLY A 143 18.11 -6.65 -19.31
CA GLY A 143 19.50 -6.57 -18.87
C GLY A 143 20.14 -5.19 -18.86
N LYS A 144 19.32 -4.12 -18.77
CA LYS A 144 19.85 -2.76 -18.75
C LYS A 144 20.08 -2.31 -17.33
N LYS A 145 21.15 -1.52 -17.11
CA LYS A 145 21.48 -0.94 -15.80
C LYS A 145 20.52 0.20 -15.57
N ARG A 146 20.23 0.51 -14.30
CA ARG A 146 19.28 1.58 -13.96
C ARG A 146 19.50 2.90 -14.69
N HIS A 147 20.78 3.30 -14.87
CA HIS A 147 21.19 4.55 -15.53
C HIS A 147 21.19 4.48 -17.07
N GLU A 148 21.36 3.27 -17.64
CA GLU A 148 21.45 3.00 -19.09
C GLU A 148 20.17 3.30 -19.91
N MET A 149 19.02 3.44 -19.23
CA MET A 149 17.71 3.65 -19.85
C MET A 149 16.87 4.67 -19.06
N PRO A 150 15.83 5.31 -19.66
CA PRO A 150 15.00 6.27 -18.89
C PRO A 150 14.26 5.61 -17.71
N PRO A 151 13.85 6.34 -16.64
CA PRO A 151 13.14 5.67 -15.52
C PRO A 151 11.88 4.91 -15.89
N HIS A 152 11.74 3.71 -15.32
CA HIS A 152 10.60 2.83 -15.53
C HIS A 152 10.48 1.84 -14.38
N ILE A 153 9.28 1.23 -14.25
CA ILE A 153 9.05 0.16 -13.27
C ILE A 153 9.78 -1.10 -13.77
N TYR A 154 9.84 -1.28 -15.12
CA TYR A 154 10.54 -2.36 -15.82
C TYR A 154 12.01 -2.48 -15.37
N ALA A 155 12.70 -1.34 -15.21
CA ALA A 155 14.07 -1.23 -14.76
C ALA A 155 14.25 -1.65 -13.29
N ILE A 156 13.25 -1.36 -12.42
CA ILE A 156 13.32 -1.77 -11.01
C ILE A 156 13.24 -3.30 -10.99
N ALA A 157 12.21 -3.83 -11.72
CA ALA A 157 11.93 -5.24 -11.92
C ALA A 157 13.11 -5.94 -12.54
N ASP A 158 13.88 -5.27 -13.44
CA ASP A 158 15.04 -5.92 -14.06
C ASP A 158 16.28 -5.92 -13.17
N THR A 159 16.58 -4.78 -12.50
CA THR A 159 17.76 -4.67 -11.61
C THR A 159 17.67 -5.67 -10.44
N ALA A 160 16.47 -5.78 -9.84
CA ALA A 160 16.18 -6.74 -8.76
C ALA A 160 16.30 -8.18 -9.29
N TYR A 161 15.83 -8.42 -10.53
CA TYR A 161 15.93 -9.74 -11.15
C TYR A 161 17.39 -10.13 -11.36
N ARG A 162 18.18 -9.23 -12.00
CA ARG A 162 19.60 -9.48 -12.28
C ARG A 162 20.41 -9.64 -11.00
N SER A 163 20.12 -8.81 -9.98
CA SER A 163 20.80 -8.90 -8.69
C SER A 163 20.51 -10.24 -7.99
N MET A 164 19.25 -10.70 -8.05
CA MET A 164 18.84 -12.00 -7.50
C MET A 164 19.72 -13.15 -8.04
N LEU A 165 20.11 -13.09 -9.32
CA LEU A 165 20.94 -14.14 -9.92
C LEU A 165 22.42 -13.95 -9.61
N GLN A 166 22.92 -12.71 -9.80
CA GLN A 166 24.28 -12.27 -9.56
C GLN A 166 24.69 -12.51 -8.08
N ASP A 167 23.98 -11.87 -7.13
CA ASP A 167 24.21 -11.89 -5.68
C ASP A 167 23.64 -13.11 -4.93
N ARG A 168 22.73 -13.90 -5.56
CA ARG A 168 22.06 -15.09 -4.97
C ARG A 168 21.38 -14.76 -3.61
N GLU A 169 20.48 -13.77 -3.66
CA GLU A 169 19.68 -13.26 -2.54
C GLU A 169 18.27 -12.91 -3.01
N ASP A 170 17.28 -13.15 -2.16
CA ASP A 170 15.87 -12.87 -2.43
C ASP A 170 15.67 -11.37 -2.58
N GLN A 171 14.69 -10.98 -3.40
CA GLN A 171 14.41 -9.58 -3.67
C GLN A 171 12.99 -9.19 -3.29
N SER A 172 12.73 -7.89 -3.23
CA SER A 172 11.40 -7.35 -2.98
C SER A 172 11.20 -6.01 -3.66
N ILE A 173 9.98 -5.75 -4.12
CA ILE A 173 9.57 -4.48 -4.71
C ILE A 173 8.43 -3.99 -3.87
N LEU A 174 8.60 -2.85 -3.22
CA LEU A 174 7.55 -2.31 -2.36
C LEU A 174 6.84 -1.13 -3.03
N CYS A 175 5.59 -1.36 -3.49
CA CYS A 175 4.76 -0.33 -4.13
C CYS A 175 3.85 0.25 -3.07
N THR A 176 4.27 1.36 -2.43
CA THR A 176 3.53 2.01 -1.35
C THR A 176 2.76 3.23 -1.87
N GLY A 177 1.87 3.77 -1.03
CA GLY A 177 1.07 4.92 -1.40
C GLY A 177 -0.38 4.88 -0.99
N GLU A 178 -1.02 6.08 -1.05
CA GLU A 178 -2.42 6.41 -0.78
C GLU A 178 -3.39 5.55 -1.62
N SER A 179 -4.71 5.59 -1.32
CA SER A 179 -5.70 4.90 -2.17
C SER A 179 -5.81 5.65 -3.53
N GLY A 180 -5.63 4.91 -4.62
CA GLY A 180 -5.65 5.42 -6.00
C GLY A 180 -4.34 6.06 -6.47
N ALA A 181 -3.19 5.70 -5.84
CA ALA A 181 -1.90 6.27 -6.19
C ALA A 181 -1.18 5.53 -7.33
N GLY A 182 -1.44 4.23 -7.46
CA GLY A 182 -0.85 3.41 -8.53
C GLY A 182 -0.12 2.16 -8.08
N LYS A 183 -0.39 1.70 -6.84
CA LYS A 183 0.22 0.50 -6.26
C LYS A 183 -0.13 -0.72 -7.06
N THR A 184 -1.44 -1.02 -7.28
CA THR A 184 -1.91 -2.19 -8.03
C THR A 184 -1.43 -2.18 -9.49
N GLU A 185 -1.53 -0.99 -10.15
CA GLU A 185 -1.12 -0.84 -11.53
C GLU A 185 0.35 -1.16 -11.76
N ASN A 186 1.22 -0.71 -10.85
CA ASN A 186 2.66 -0.96 -10.94
C ASN A 186 2.98 -2.37 -10.55
N THR A 187 2.35 -2.88 -9.48
CA THR A 187 2.55 -4.25 -9.02
C THR A 187 2.35 -5.20 -10.19
N LYS A 188 1.26 -5.02 -10.97
CA LYS A 188 0.91 -5.86 -12.12
C LYS A 188 1.94 -5.75 -13.30
N LYS A 189 2.55 -4.57 -13.50
CA LYS A 189 3.56 -4.32 -14.54
C LYS A 189 4.88 -5.06 -14.25
N VAL A 190 5.18 -5.29 -12.96
CA VAL A 190 6.34 -6.06 -12.51
C VAL A 190 6.04 -7.51 -12.92
N ILE A 191 4.78 -7.99 -12.63
CA ILE A 191 4.34 -9.34 -12.99
C ILE A 191 4.46 -9.54 -14.50
N GLN A 192 3.88 -8.63 -15.32
CA GLN A 192 3.95 -8.78 -16.78
C GLN A 192 5.38 -8.64 -17.34
N TYR A 193 6.30 -7.87 -16.69
CA TYR A 193 7.69 -7.78 -17.14
C TYR A 193 8.39 -9.13 -16.93
N LEU A 194 8.38 -9.62 -15.70
CA LEU A 194 9.02 -10.86 -15.31
C LEU A 194 8.42 -12.08 -15.98
N ALA A 195 7.12 -12.10 -16.30
CA ALA A 195 6.46 -13.22 -17.01
C ALA A 195 6.94 -13.35 -18.48
N VAL A 196 7.51 -12.26 -19.01
CA VAL A 196 8.11 -12.18 -20.35
C VAL A 196 9.60 -12.63 -20.25
N VAL A 197 10.43 -11.87 -19.45
CA VAL A 197 11.87 -12.07 -19.32
C VAL A 197 12.26 -13.42 -18.64
N ALA A 198 11.56 -13.81 -17.57
CA ALA A 198 11.85 -15.04 -16.85
C ALA A 198 11.02 -16.25 -17.35
N SER A 199 10.53 -16.19 -18.60
CA SER A 199 9.73 -17.27 -19.18
C SER A 199 10.63 -18.42 -19.61
N SER A 200 10.06 -19.65 -19.63
CA SER A 200 10.75 -20.90 -19.98
C SER A 200 10.72 -21.18 -21.49
N PRO A 216 4.45 -14.80 -25.17
CA PRO A 216 4.50 -16.14 -25.79
C PRO A 216 3.39 -17.11 -25.32
N TYR A 217 3.21 -17.48 -24.02
CA TYR A 217 3.97 -17.16 -22.78
C TYR A 217 4.38 -18.45 -22.07
N GLY A 218 3.44 -19.41 -21.98
CA GLY A 218 3.60 -20.67 -21.27
C GLY A 218 2.53 -20.76 -20.21
N GLU A 219 1.98 -21.98 -19.96
CA GLU A 219 0.88 -22.26 -19.02
C GLU A 219 0.98 -21.54 -17.67
N LEU A 220 2.12 -21.64 -16.99
CA LEU A 220 2.32 -21.00 -15.70
C LEU A 220 2.27 -19.47 -15.80
N GLU A 221 3.07 -18.87 -16.69
CA GLU A 221 3.09 -17.42 -16.95
C GLU A 221 1.70 -16.89 -17.38
N LYS A 222 0.93 -17.67 -18.20
CA LYS A 222 -0.43 -17.33 -18.66
C LYS A 222 -1.41 -17.25 -17.46
N GLN A 223 -1.24 -18.20 -16.52
CA GLN A 223 -2.03 -18.34 -15.29
C GLN A 223 -1.65 -17.28 -14.30
N LEU A 224 -0.33 -17.00 -14.16
CA LEU A 224 0.23 -16.00 -13.26
C LEU A 224 -0.39 -14.65 -13.52
N LEU A 225 -0.58 -14.31 -14.81
CA LEU A 225 -1.17 -13.04 -15.28
C LEU A 225 -2.69 -12.95 -15.06
N GLN A 226 -3.31 -14.04 -14.52
CA GLN A 226 -4.73 -14.13 -14.26
C GLN A 226 -5.10 -14.10 -12.78
N ALA A 227 -4.08 -14.16 -11.89
CA ALA A 227 -4.28 -14.13 -10.43
C ALA A 227 -5.00 -12.87 -9.95
N ASN A 228 -4.50 -11.68 -10.35
CA ASN A 228 -5.03 -10.35 -10.02
C ASN A 228 -6.41 -10.12 -10.69
N PRO A 229 -6.63 -10.34 -12.02
CA PRO A 229 -8.00 -10.31 -12.55
C PRO A 229 -9.05 -11.04 -11.66
N ILE A 230 -8.75 -12.29 -11.17
CA ILE A 230 -9.63 -13.08 -10.27
C ILE A 230 -9.75 -12.40 -8.89
N LEU A 231 -8.61 -12.18 -8.20
CA LEU A 231 -8.58 -11.61 -6.85
C LEU A 231 -9.29 -10.28 -6.76
N GLU A 232 -9.04 -9.38 -7.74
CA GLU A 232 -9.67 -8.06 -7.82
C GLU A 232 -11.19 -8.14 -8.01
N ALA A 233 -11.70 -9.13 -8.76
CA ALA A 233 -13.15 -9.32 -8.94
C ALA A 233 -13.84 -9.52 -7.57
N PHE A 234 -13.18 -10.26 -6.65
CA PHE A 234 -13.70 -10.57 -5.33
C PHE A 234 -13.21 -9.62 -4.19
N GLY A 235 -12.07 -8.97 -4.35
CA GLY A 235 -11.53 -8.11 -3.30
C GLY A 235 -11.45 -6.63 -3.60
N ASN A 236 -11.90 -6.19 -4.75
CA ASN A 236 -11.81 -4.79 -5.10
C ASN A 236 -13.18 -4.16 -5.20
N ALA A 237 -13.26 -2.82 -4.99
CA ALA A 237 -14.54 -2.11 -5.06
C ALA A 237 -14.45 -0.64 -5.57
N LYS A 238 -15.59 -0.09 -6.05
CA LYS A 238 -15.60 1.31 -6.47
C LYS A 238 -15.78 2.12 -5.21
N THR A 239 -14.79 2.98 -4.98
CA THR A 239 -14.58 3.88 -3.85
C THR A 239 -14.54 5.31 -4.39
N VAL A 240 -14.74 6.28 -3.49
CA VAL A 240 -14.73 7.69 -3.82
C VAL A 240 -13.28 8.10 -4.19
N LYS A 241 -12.29 7.34 -3.69
CA LYS A 241 -10.86 7.51 -3.91
C LYS A 241 -10.30 6.71 -5.11
N ASN A 242 -10.90 5.54 -5.42
CA ASN A 242 -10.46 4.69 -6.53
C ASN A 242 -11.60 3.84 -7.06
N ASP A 243 -11.85 3.88 -8.39
CA ASP A 243 -12.91 3.05 -9.02
C ASP A 243 -12.60 1.55 -8.91
N ASN A 244 -11.30 1.22 -8.67
CA ASN A 244 -10.82 -0.15 -8.54
C ASN A 244 -9.94 -0.30 -7.28
N SER A 245 -10.39 0.23 -6.15
CA SER A 245 -9.62 0.12 -4.93
C SER A 245 -9.44 -1.31 -4.43
N SER A 246 -8.20 -1.64 -4.03
CA SER A 246 -7.91 -2.93 -3.40
C SER A 246 -8.46 -2.84 -1.98
N ARG A 247 -9.42 -3.70 -1.67
CA ARG A 247 -10.04 -3.76 -0.34
C ARG A 247 -9.38 -4.85 0.51
N PHE A 248 -8.16 -5.24 0.07
CA PHE A 248 -7.20 -6.15 0.70
C PHE A 248 -5.78 -5.69 0.36
N GLY A 249 -4.80 -6.23 1.08
CA GLY A 249 -3.40 -5.98 0.81
C GLY A 249 -2.76 -7.29 0.45
N LYS A 250 -1.72 -7.28 -0.40
CA LYS A 250 -1.08 -8.53 -0.81
C LYS A 250 0.45 -8.46 -0.91
N PHE A 251 1.08 -9.63 -0.80
CA PHE A 251 2.51 -9.85 -0.98
C PHE A 251 2.60 -11.02 -1.92
N ILE A 252 2.89 -10.74 -3.18
CA ILE A 252 2.99 -11.80 -4.18
C ILE A 252 4.43 -12.26 -4.20
N ARG A 253 4.66 -13.55 -3.97
CA ARG A 253 6.00 -14.12 -4.00
C ARG A 253 6.14 -14.96 -5.29
N ILE A 254 6.99 -14.52 -6.24
CA ILE A 254 7.27 -15.28 -7.47
C ILE A 254 8.55 -16.13 -7.22
N ASN A 255 8.48 -17.45 -7.41
CA ASN A 255 9.60 -18.39 -7.18
C ASN A 255 10.45 -18.66 -8.46
N PHE A 256 11.80 -18.73 -8.29
CA PHE A 256 12.72 -18.87 -9.41
C PHE A 256 13.75 -19.95 -9.30
N ASP A 257 13.96 -20.66 -10.44
CA ASP A 257 14.95 -21.69 -10.79
C ASP A 257 16.32 -21.05 -10.63
N VAL A 258 17.38 -21.85 -10.35
CA VAL A 258 18.78 -21.39 -10.23
C VAL A 258 19.19 -20.56 -11.46
N THR A 259 18.66 -20.93 -12.63
CA THR A 259 18.90 -20.25 -13.91
C THR A 259 18.18 -18.91 -13.99
N GLY A 260 17.04 -18.79 -13.30
CA GLY A 260 16.22 -17.58 -13.26
C GLY A 260 14.88 -17.70 -13.94
N TYR A 261 14.39 -18.94 -14.11
CA TYR A 261 13.09 -19.20 -14.74
C TYR A 261 12.01 -19.27 -13.68
N ILE A 262 10.84 -18.60 -13.93
CA ILE A 262 9.66 -18.61 -13.03
C ILE A 262 9.29 -20.07 -12.85
N VAL A 263 9.12 -20.48 -11.59
CA VAL A 263 8.89 -21.89 -11.33
C VAL A 263 7.59 -22.07 -10.55
N GLY A 264 7.15 -21.00 -9.90
CA GLY A 264 5.92 -20.98 -9.13
C GLY A 264 5.65 -19.63 -8.52
N ALA A 265 4.53 -19.52 -7.77
CA ALA A 265 4.12 -18.30 -7.08
C ALA A 265 3.15 -18.59 -5.95
N ASN A 266 3.16 -17.70 -4.94
CA ASN A 266 2.27 -17.74 -3.78
C ASN A 266 1.85 -16.32 -3.49
N ILE A 267 0.58 -16.12 -3.08
CA ILE A 267 0.02 -14.81 -2.70
C ILE A 267 -0.58 -14.94 -1.30
N GLU A 268 -0.23 -13.97 -0.42
CA GLU A 268 -0.78 -13.79 0.92
C GLU A 268 -1.57 -12.50 0.86
N THR A 269 -2.76 -12.48 1.48
CA THR A 269 -3.61 -11.31 1.56
C THR A 269 -3.75 -10.89 3.00
N TYR A 270 -3.99 -9.61 3.21
CA TYR A 270 -4.10 -9.02 4.53
C TYR A 270 -5.34 -8.15 4.56
N LEU A 271 -5.98 -8.10 5.72
CA LEU A 271 -7.11 -7.24 6.01
C LEU A 271 -8.16 -7.04 4.90
N LEU A 272 -8.93 -8.08 4.55
CA LEU A 272 -10.02 -7.89 3.60
C LEU A 272 -11.15 -7.19 4.36
N GLU A 273 -11.68 -6.12 3.76
CA GLU A 273 -12.76 -5.27 4.26
C GLU A 273 -14.08 -6.09 4.11
N LYS A 274 -14.21 -7.17 4.89
CA LYS A 274 -15.40 -8.03 4.88
C LYS A 274 -16.72 -7.29 5.24
N SER A 275 -16.61 -6.11 5.92
CA SER A 275 -17.75 -5.26 6.29
C SER A 275 -18.40 -4.61 5.06
N ARG A 276 -17.64 -4.49 3.95
CA ARG A 276 -18.12 -3.92 2.69
C ARG A 276 -19.27 -4.75 2.08
N ALA A 277 -19.32 -6.07 2.39
CA ALA A 277 -20.38 -6.99 1.95
C ALA A 277 -21.77 -6.58 2.46
N ILE A 278 -21.84 -5.98 3.68
CA ILE A 278 -23.04 -5.53 4.42
C ILE A 278 -23.60 -4.19 4.01
N ARG A 279 -22.77 -3.13 4.04
CA ARG A 279 -23.17 -1.77 3.71
C ARG A 279 -22.04 -0.96 3.15
N GLN A 280 -22.38 0.05 2.33
CA GLN A 280 -21.43 0.95 1.67
C GLN A 280 -21.84 2.42 1.84
N ALA A 281 -20.81 3.30 1.83
CA ALA A 281 -20.93 4.77 1.90
C ALA A 281 -21.45 5.32 0.58
N LYS A 282 -21.95 6.56 0.61
CA LYS A 282 -22.54 7.25 -0.53
C LYS A 282 -21.58 7.20 -1.75
N ASP A 283 -22.10 6.78 -2.93
CA ASP A 283 -21.50 6.67 -4.28
C ASP A 283 -20.47 5.54 -4.41
N GLU A 284 -20.50 4.61 -3.44
CA GLU A 284 -19.62 3.45 -3.41
C GLU A 284 -20.41 2.20 -3.71
N ARG A 285 -19.67 1.13 -4.05
CA ARG A 285 -20.18 -0.17 -4.41
C ARG A 285 -19.63 -1.28 -3.48
N THR A 286 -20.25 -2.49 -3.47
CA THR A 286 -19.67 -3.65 -2.77
C THR A 286 -18.53 -4.12 -3.69
N PHE A 287 -18.04 -5.35 -3.47
CA PHE A 287 -16.98 -5.97 -4.29
C PHE A 287 -17.51 -6.11 -5.73
N HIS A 288 -16.60 -6.01 -6.73
CA HIS A 288 -16.96 -6.05 -8.16
C HIS A 288 -17.84 -7.21 -8.56
N ILE A 289 -17.60 -8.38 -7.93
CA ILE A 289 -18.24 -9.68 -8.22
C ILE A 289 -19.80 -9.67 -8.16
N PHE A 290 -20.43 -8.94 -7.22
CA PHE A 290 -21.90 -8.87 -7.10
C PHE A 290 -22.50 -8.17 -8.32
N TYR A 291 -21.87 -7.08 -8.77
CA TYR A 291 -22.29 -6.33 -9.96
C TYR A 291 -22.00 -7.12 -11.22
N TYR A 292 -20.83 -7.80 -11.28
CA TYR A 292 -20.46 -8.65 -12.41
C TYR A 292 -21.53 -9.73 -12.58
N LEU A 293 -21.76 -10.57 -11.54
CA LEU A 293 -22.75 -11.65 -11.52
C LEU A 293 -24.18 -11.20 -11.91
N ILE A 294 -24.75 -10.18 -11.20
CA ILE A 294 -26.11 -9.65 -11.46
C ILE A 294 -26.23 -9.13 -12.89
N ALA A 295 -25.24 -8.37 -13.36
CA ALA A 295 -25.26 -7.81 -14.71
C ALA A 295 -25.09 -8.85 -15.84
N GLY A 296 -24.11 -9.76 -15.66
CA GLY A 296 -23.72 -10.76 -16.64
C GLY A 296 -24.44 -12.09 -16.76
N ALA A 297 -24.76 -12.78 -15.64
CA ALA A 297 -25.40 -14.12 -15.60
C ALA A 297 -26.44 -14.38 -16.65
N SER A 298 -26.39 -15.56 -17.28
CA SER A 298 -27.33 -16.02 -18.31
C SER A 298 -28.75 -16.18 -17.73
N GLU A 299 -29.80 -16.31 -18.58
CA GLU A 299 -31.17 -16.51 -18.07
C GLU A 299 -31.22 -17.76 -17.19
N GLN A 300 -30.52 -18.84 -17.59
CA GLN A 300 -30.44 -20.10 -16.85
C GLN A 300 -29.72 -20.00 -15.51
N MET A 301 -28.63 -19.20 -15.44
CA MET A 301 -27.79 -18.98 -14.24
C MET A 301 -28.56 -18.16 -13.18
N ARG A 302 -29.28 -17.12 -13.63
CA ARG A 302 -30.10 -16.22 -12.83
C ARG A 302 -31.11 -17.03 -12.03
N ASN A 303 -31.78 -18.00 -12.71
CA ASN A 303 -32.78 -18.90 -12.12
C ASN A 303 -32.13 -19.89 -11.14
N ASP A 304 -31.02 -20.49 -11.57
CA ASP A 304 -30.20 -21.47 -10.85
C ASP A 304 -29.86 -20.96 -9.43
N LEU A 305 -29.13 -19.82 -9.37
CA LEU A 305 -28.59 -19.14 -8.18
C LEU A 305 -29.56 -18.20 -7.48
N LEU A 306 -30.82 -18.11 -7.94
CA LEU A 306 -31.91 -17.26 -7.37
C LEU A 306 -31.54 -15.78 -7.26
N LEU A 307 -30.91 -15.23 -8.32
CA LEU A 307 -30.44 -13.84 -8.43
C LEU A 307 -31.61 -12.90 -8.71
N GLU A 308 -31.68 -11.73 -8.04
CA GLU A 308 -32.84 -10.87 -8.26
C GLU A 308 -32.56 -9.32 -8.33
N GLY A 309 -31.80 -8.87 -9.34
CA GLY A 309 -31.58 -7.44 -9.60
C GLY A 309 -31.00 -6.53 -8.53
N PHE A 310 -30.43 -5.39 -8.95
CA PHE A 310 -29.74 -4.45 -8.07
C PHE A 310 -30.59 -3.77 -6.99
N ASN A 311 -31.89 -3.60 -7.22
CA ASN A 311 -32.71 -2.88 -6.26
C ASN A 311 -33.37 -3.78 -5.21
N ASN A 312 -33.30 -5.13 -5.38
CA ASN A 312 -33.94 -6.08 -4.48
C ASN A 312 -32.99 -6.64 -3.39
N TYR A 313 -31.83 -6.01 -3.17
CA TYR A 313 -30.86 -6.50 -2.20
C TYR A 313 -30.44 -5.41 -1.22
N THR A 314 -30.67 -5.60 0.09
CA THR A 314 -30.30 -4.60 1.11
C THR A 314 -28.78 -4.47 1.27
N PHE A 315 -28.04 -5.56 1.03
CA PHE A 315 -26.59 -5.52 1.13
C PHE A 315 -25.94 -4.66 0.01
N LEU A 316 -26.77 -4.20 -0.98
CA LEU A 316 -26.37 -3.28 -2.05
C LEU A 316 -26.96 -1.91 -1.66
N SER A 317 -26.23 -1.13 -0.81
CA SER A 317 -26.67 0.13 -0.23
C SER A 317 -27.09 1.24 -1.22
N ASN A 318 -26.49 1.28 -2.42
CA ASN A 318 -26.79 2.33 -3.40
C ASN A 318 -27.27 1.83 -4.77
N GLY A 319 -27.81 0.60 -4.81
CA GLY A 319 -28.32 -0.02 -6.03
C GLY A 319 -27.28 -0.14 -7.12
N HIS A 320 -27.70 -0.05 -8.39
CA HIS A 320 -26.72 -0.13 -9.48
C HIS A 320 -25.99 1.18 -9.69
N VAL A 321 -24.76 1.23 -9.19
CA VAL A 321 -23.89 2.36 -9.39
C VAL A 321 -22.86 1.90 -10.42
N PRO A 322 -22.66 2.67 -11.51
CA PRO A 322 -21.74 2.21 -12.57
C PRO A 322 -20.29 2.65 -12.43
N ILE A 323 -19.35 1.85 -13.00
CA ILE A 323 -17.94 2.22 -13.06
C ILE A 323 -17.72 2.78 -14.47
N PRO A 324 -17.42 4.11 -14.63
CA PRO A 324 -17.24 4.67 -15.99
C PRO A 324 -16.12 4.00 -16.80
N ALA A 325 -16.36 3.83 -18.13
CA ALA A 325 -15.50 3.17 -19.12
C ALA A 325 -15.34 1.66 -18.85
N GLN A 326 -16.36 1.08 -18.20
CA GLN A 326 -16.38 -0.33 -17.81
C GLN A 326 -17.82 -0.86 -17.78
N GLN A 327 -18.06 -2.02 -18.38
CA GLN A 327 -19.38 -2.62 -18.31
C GLN A 327 -19.29 -3.87 -17.46
N ASP A 328 -20.17 -3.97 -16.44
CA ASP A 328 -20.20 -5.08 -15.49
C ASP A 328 -20.46 -6.44 -16.12
N ASP A 329 -21.30 -6.51 -17.18
CA ASP A 329 -21.57 -7.77 -17.89
C ASP A 329 -20.30 -8.25 -18.64
N GLU A 330 -19.56 -7.31 -19.28
CA GLU A 330 -18.30 -7.54 -20.02
C GLU A 330 -17.20 -8.07 -19.06
N MET A 331 -17.13 -7.45 -17.86
CA MET A 331 -16.23 -7.79 -16.77
C MET A 331 -16.54 -9.15 -16.20
N PHE A 332 -17.82 -9.57 -16.23
CA PHE A 332 -18.24 -10.89 -15.74
C PHE A 332 -17.68 -11.94 -16.67
N GLN A 333 -17.80 -11.73 -18.00
CA GLN A 333 -17.23 -12.65 -18.98
C GLN A 333 -15.70 -12.67 -18.85
N GLU A 334 -15.08 -11.49 -18.64
CA GLU A 334 -13.63 -11.33 -18.46
C GLU A 334 -13.12 -12.10 -17.22
N THR A 335 -13.93 -12.14 -16.15
CA THR A 335 -13.62 -12.86 -14.90
C THR A 335 -13.78 -14.37 -15.11
N LEU A 336 -14.88 -14.82 -15.78
CA LEU A 336 -15.14 -16.23 -16.08
C LEU A 336 -13.99 -16.80 -16.89
N GLU A 337 -13.48 -16.04 -17.87
CA GLU A 337 -12.34 -16.40 -18.73
C GLU A 337 -11.07 -16.64 -17.90
N ALA A 338 -10.74 -15.71 -16.96
CA ALA A 338 -9.59 -15.79 -16.05
C ALA A 338 -9.63 -17.06 -15.18
N MET A 339 -10.83 -17.40 -14.68
CA MET A 339 -11.05 -18.60 -13.89
C MET A 339 -10.91 -19.84 -14.75
N THR A 340 -11.20 -19.74 -16.07
CA THR A 340 -11.02 -20.87 -16.98
C THR A 340 -9.50 -21.13 -17.19
N ILE A 341 -8.72 -20.08 -17.45
CA ILE A 341 -7.26 -20.11 -17.63
C ILE A 341 -6.58 -20.67 -16.37
N MET A 342 -7.05 -20.27 -15.17
CA MET A 342 -6.53 -20.73 -13.87
C MET A 342 -6.92 -22.20 -13.55
N GLY A 343 -7.70 -22.81 -14.43
CA GLY A 343 -8.09 -24.21 -14.30
C GLY A 343 -9.23 -24.46 -13.33
N PHE A 344 -10.07 -23.44 -13.06
CA PHE A 344 -11.24 -23.65 -12.19
C PHE A 344 -12.30 -24.33 -13.07
N THR A 345 -12.72 -25.54 -12.67
CA THR A 345 -13.73 -26.33 -13.37
C THR A 345 -15.04 -25.55 -13.32
N GLU A 346 -15.92 -25.73 -14.31
CA GLU A 346 -17.22 -25.04 -14.38
C GLU A 346 -17.96 -25.13 -13.01
N GLU A 347 -17.86 -26.32 -12.34
CA GLU A 347 -18.45 -26.62 -11.03
C GLU A 347 -17.90 -25.71 -9.95
N GLU A 348 -16.57 -25.45 -9.97
CA GLU A 348 -15.89 -24.53 -9.04
C GLU A 348 -16.41 -23.09 -9.27
N GLN A 349 -16.46 -22.65 -10.56
CA GLN A 349 -16.95 -21.32 -10.96
C GLN A 349 -18.40 -21.07 -10.46
N THR A 350 -19.30 -22.05 -10.71
CA THR A 350 -20.73 -22.01 -10.38
C THR A 350 -20.97 -22.05 -8.87
N SER A 351 -20.21 -22.88 -8.12
CA SER A 351 -20.34 -22.98 -6.67
C SER A 351 -19.87 -21.69 -6.02
N ILE A 352 -18.88 -21.01 -6.64
CA ILE A 352 -18.38 -19.71 -6.19
C ILE A 352 -19.48 -18.66 -6.34
N LEU A 353 -20.11 -18.56 -7.52
CA LEU A 353 -21.18 -17.57 -7.78
C LEU A 353 -22.43 -17.81 -6.87
N ARG A 354 -22.71 -19.10 -6.53
CA ARG A 354 -23.77 -19.57 -5.63
C ARG A 354 -23.54 -19.02 -4.21
N VAL A 355 -22.27 -18.99 -3.75
CA VAL A 355 -21.90 -18.39 -2.46
C VAL A 355 -22.10 -16.85 -2.53
N VAL A 356 -21.61 -16.18 -3.61
CA VAL A 356 -21.78 -14.73 -3.84
C VAL A 356 -23.28 -14.37 -3.73
N SER A 357 -24.15 -15.23 -4.29
CA SER A 357 -25.60 -15.05 -4.26
C SER A 357 -26.21 -15.19 -2.85
N SER A 358 -25.72 -16.18 -2.05
CA SER A 358 -26.21 -16.45 -0.69
C SER A 358 -25.83 -15.30 0.25
N VAL A 359 -24.64 -14.71 0.06
CA VAL A 359 -24.11 -13.58 0.83
C VAL A 359 -25.12 -12.41 0.70
N LEU A 360 -25.70 -12.25 -0.51
CA LEU A 360 -26.68 -11.20 -0.79
C LEU A 360 -28.04 -11.52 -0.15
N GLN A 361 -28.52 -12.78 -0.30
CA GLN A 361 -29.78 -13.24 0.25
C GLN A 361 -29.82 -13.06 1.75
N LEU A 362 -28.68 -13.36 2.47
CA LEU A 362 -28.55 -13.18 3.93
C LEU A 362 -29.01 -11.81 4.32
N GLY A 363 -28.63 -10.82 3.49
CA GLY A 363 -29.01 -9.43 3.62
C GLY A 363 -30.29 -9.07 2.90
N ASN A 364 -31.34 -9.84 3.21
CA ASN A 364 -32.74 -9.72 2.77
C ASN A 364 -33.65 -10.35 3.85
N ILE A 365 -33.05 -11.14 4.78
CA ILE A 365 -33.73 -11.70 5.94
C ILE A 365 -34.13 -10.53 6.85
N VAL A 366 -35.40 -10.48 7.27
CA VAL A 366 -35.94 -9.41 8.11
C VAL A 366 -36.42 -9.98 9.44
N PHE A 367 -35.92 -9.38 10.54
CA PHE A 367 -36.33 -9.74 11.88
C PHE A 367 -37.26 -8.69 12.45
N LYS A 368 -38.39 -9.13 12.96
CA LYS A 368 -39.32 -8.25 13.63
C LYS A 368 -39.21 -8.61 15.12
N LYS A 369 -40.05 -8.03 15.98
CA LYS A 369 -40.05 -8.31 17.41
C LYS A 369 -41.39 -8.88 17.82
N GLU A 370 -41.39 -9.90 18.71
CA GLU A 370 -42.65 -10.40 19.25
C GLU A 370 -43.32 -9.21 19.98
N ARG A 371 -44.66 -9.12 19.93
CA ARG A 371 -45.40 -8.02 20.57
C ARG A 371 -45.06 -7.88 22.06
N ASN A 372 -44.63 -6.67 22.47
CA ASN A 372 -44.30 -6.21 23.83
C ASN A 372 -43.11 -6.95 24.46
N THR A 373 -42.08 -7.23 23.65
CA THR A 373 -40.81 -7.92 24.00
C THR A 373 -39.73 -7.51 22.98
N ASP A 374 -38.45 -7.82 23.29
CA ASP A 374 -37.31 -7.56 22.41
C ASP A 374 -36.98 -8.79 21.55
N GLN A 375 -37.67 -9.93 21.85
CA GLN A 375 -37.52 -11.23 21.21
C GLN A 375 -37.70 -11.20 19.71
N ALA A 376 -36.71 -11.75 19.01
CA ALA A 376 -36.65 -11.85 17.56
C ALA A 376 -37.68 -12.81 16.99
N SER A 377 -38.37 -12.33 15.94
CA SER A 377 -39.36 -13.06 15.18
C SER A 377 -39.01 -12.97 13.68
N MET A 378 -39.27 -14.04 12.93
CA MET A 378 -39.08 -14.04 11.48
C MET A 378 -40.45 -14.35 10.90
N PRO A 379 -41.26 -13.30 10.61
CA PRO A 379 -42.63 -13.51 10.13
C PRO A 379 -42.70 -14.01 8.70
N ASP A 380 -41.66 -13.72 7.89
CA ASP A 380 -41.52 -14.13 6.50
C ASP A 380 -40.27 -15.00 6.34
N ASN A 381 -40.47 -16.22 5.82
CA ASN A 381 -39.46 -17.24 5.61
C ASN A 381 -38.85 -17.19 4.22
N THR A 382 -39.38 -16.34 3.32
CA THR A 382 -38.96 -16.25 1.92
C THR A 382 -37.42 -16.19 1.74
N ALA A 383 -36.72 -15.23 2.40
CA ALA A 383 -35.27 -15.09 2.28
C ALA A 383 -34.52 -16.29 2.90
N ALA A 384 -34.95 -16.74 4.10
CA ALA A 384 -34.38 -17.87 4.84
C ALA A 384 -34.41 -19.11 3.98
N GLN A 385 -35.57 -19.37 3.31
CA GLN A 385 -35.74 -20.50 2.41
C GLN A 385 -34.78 -20.43 1.20
N LYS A 386 -34.69 -19.26 0.55
CA LYS A 386 -33.83 -19.02 -0.60
C LYS A 386 -32.35 -19.21 -0.25
N VAL A 387 -31.88 -18.54 0.82
CA VAL A 387 -30.50 -18.64 1.25
C VAL A 387 -30.14 -20.08 1.70
N CYS A 388 -31.06 -20.78 2.39
CA CYS A 388 -30.80 -22.14 2.85
C CYS A 388 -30.72 -23.14 1.74
N HIS A 389 -31.47 -22.91 0.65
CA HIS A 389 -31.43 -23.73 -0.56
C HIS A 389 -30.01 -23.61 -1.19
N LEU A 390 -29.42 -22.40 -1.11
CA LEU A 390 -28.11 -22.07 -1.64
C LEU A 390 -26.97 -22.58 -0.73
N MET A 391 -27.14 -22.44 0.59
CA MET A 391 -26.13 -22.89 1.55
C MET A 391 -26.18 -24.42 1.79
N GLY A 392 -27.17 -25.10 1.19
CA GLY A 392 -27.38 -26.54 1.32
C GLY A 392 -27.73 -27.04 2.72
N ILE A 393 -28.37 -26.18 3.53
CA ILE A 393 -28.75 -26.47 4.92
C ILE A 393 -30.30 -26.41 5.12
N ASN A 394 -30.82 -27.03 6.20
CA ASN A 394 -32.27 -27.05 6.51
C ASN A 394 -32.76 -25.70 7.04
N VAL A 395 -33.90 -25.21 6.52
CA VAL A 395 -34.44 -23.91 6.91
C VAL A 395 -34.97 -23.85 8.37
N THR A 396 -35.62 -24.93 8.88
CA THR A 396 -36.15 -24.96 10.26
C THR A 396 -34.99 -24.96 11.24
N ASP A 397 -33.96 -25.77 10.95
CA ASP A 397 -32.76 -25.90 11.74
C ASP A 397 -31.96 -24.60 11.74
N PHE A 398 -32.06 -23.84 10.63
CA PHE A 398 -31.40 -22.55 10.48
C PHE A 398 -32.15 -21.49 11.26
N THR A 399 -33.50 -21.45 11.13
CA THR A 399 -34.35 -20.49 11.85
C THR A 399 -34.14 -20.63 13.38
N ARG A 400 -34.16 -21.89 13.88
CA ARG A 400 -33.95 -22.25 15.28
C ARG A 400 -32.55 -21.86 15.74
N SER A 401 -31.54 -22.02 14.86
CA SER A 401 -30.14 -21.68 15.13
C SER A 401 -29.90 -20.18 15.19
N ILE A 402 -30.85 -19.37 14.70
CA ILE A 402 -30.68 -17.91 14.69
C ILE A 402 -31.49 -17.26 15.78
N LEU A 403 -32.69 -17.80 16.09
CA LEU A 403 -33.60 -17.23 17.08
C LEU A 403 -33.46 -17.86 18.46
N THR A 404 -33.27 -19.19 18.55
CA THR A 404 -33.17 -19.91 19.84
C THR A 404 -31.91 -20.80 19.90
N PRO A 405 -30.67 -20.27 19.75
CA PRO A 405 -29.48 -21.14 19.79
C PRO A 405 -29.23 -21.83 21.11
N ARG A 406 -28.75 -23.08 21.05
CA ARG A 406 -28.41 -23.90 22.21
C ARG A 406 -26.99 -23.51 22.61
N ILE A 407 -26.79 -23.13 23.89
CA ILE A 407 -25.48 -22.71 24.41
C ILE A 407 -25.12 -23.57 25.62
N LYS A 408 -23.91 -24.17 25.61
CA LYS A 408 -23.49 -24.96 26.76
C LYS A 408 -22.96 -24.05 27.88
N VAL A 409 -23.36 -24.36 29.14
CA VAL A 409 -22.99 -23.59 30.33
C VAL A 409 -22.09 -24.45 31.25
N GLY A 410 -22.32 -25.75 31.24
CA GLY A 410 -21.57 -26.69 32.06
C GLY A 410 -22.24 -26.81 33.42
N ARG A 411 -22.93 -27.94 33.70
CA ARG A 411 -23.10 -29.09 32.80
C ARG A 411 -24.29 -28.87 31.84
N ASP A 412 -25.30 -28.08 32.30
CA ASP A 412 -26.54 -27.73 31.61
C ASP A 412 -26.34 -26.91 30.32
N VAL A 413 -27.33 -26.98 29.40
CA VAL A 413 -27.33 -26.28 28.10
C VAL A 413 -28.56 -25.37 28.01
N VAL A 414 -28.32 -24.06 27.86
CA VAL A 414 -29.31 -23.00 27.79
C VAL A 414 -29.73 -22.67 26.34
N GLN A 415 -31.02 -22.83 26.06
CA GLN A 415 -31.59 -22.50 24.75
C GLN A 415 -32.22 -21.13 24.95
N LYS A 416 -31.47 -20.09 24.58
CA LYS A 416 -31.87 -18.70 24.77
C LYS A 416 -32.44 -18.04 23.52
N ALA A 417 -33.60 -17.38 23.67
CA ALA A 417 -34.24 -16.60 22.61
C ALA A 417 -33.49 -15.26 22.44
N GLN A 418 -33.12 -14.98 21.18
CA GLN A 418 -32.36 -13.80 20.76
C GLN A 418 -33.27 -12.62 20.57
N THR A 419 -32.69 -11.42 20.69
CA THR A 419 -33.34 -10.14 20.46
C THR A 419 -33.17 -9.85 18.98
N LYS A 420 -34.05 -9.01 18.39
CA LYS A 420 -33.97 -8.61 16.98
C LYS A 420 -32.55 -8.13 16.62
N GLU A 421 -31.90 -7.38 17.53
CA GLU A 421 -30.56 -6.80 17.42
C GLU A 421 -29.46 -7.86 17.32
N GLN A 422 -29.54 -8.91 18.20
CA GLN A 422 -28.63 -10.05 18.27
C GLN A 422 -28.67 -10.87 16.98
N ALA A 423 -29.91 -11.12 16.45
CA ALA A 423 -30.15 -11.87 15.21
C ALA A 423 -29.65 -11.11 14.00
N ASP A 424 -29.75 -9.77 14.03
CA ASP A 424 -29.28 -8.94 12.92
C ASP A 424 -27.77 -8.95 12.91
N PHE A 425 -27.16 -8.83 14.11
CA PHE A 425 -25.71 -8.89 14.26
C PHE A 425 -25.18 -10.24 13.79
N ALA A 426 -25.88 -11.36 14.16
CA ALA A 426 -25.54 -12.73 13.80
C ALA A 426 -25.59 -12.97 12.28
N ILE A 427 -26.64 -12.49 11.60
CA ILE A 427 -26.79 -12.61 10.14
C ILE A 427 -25.71 -11.75 9.42
N GLU A 428 -25.43 -10.52 9.94
CA GLU A 428 -24.40 -9.61 9.42
C GLU A 428 -22.99 -10.23 9.59
N ALA A 429 -22.71 -10.74 10.83
CA ALA A 429 -21.45 -11.42 11.20
C ALA A 429 -21.19 -12.62 10.30
N LEU A 430 -22.25 -13.40 10.00
CA LEU A 430 -22.20 -14.57 9.13
C LEU A 430 -21.98 -14.22 7.65
N ALA A 431 -22.58 -13.11 7.17
CA ALA A 431 -22.39 -12.70 5.78
C ALA A 431 -20.94 -12.21 5.54
N LYS A 432 -20.34 -11.42 6.49
CA LYS A 432 -18.93 -10.98 6.37
C LYS A 432 -17.97 -12.19 6.43
N ALA A 433 -18.29 -13.14 7.34
CA ALA A 433 -17.53 -14.36 7.59
C ALA A 433 -17.59 -15.30 6.41
N LYS A 434 -18.78 -15.46 5.77
CA LYS A 434 -18.90 -16.31 4.60
C LYS A 434 -18.05 -15.72 3.49
N PHE A 435 -18.20 -14.41 3.21
CA PHE A 435 -17.43 -13.73 2.17
C PHE A 435 -15.90 -13.84 2.34
N GLU A 436 -15.34 -13.61 3.55
CA GLU A 436 -13.89 -13.73 3.70
C GLU A 436 -13.45 -15.18 3.49
N ARG A 437 -14.31 -16.15 3.93
CA ARG A 437 -14.04 -17.57 3.72
C ARG A 437 -14.13 -17.94 2.22
N LEU A 438 -14.96 -17.20 1.46
CA LEU A 438 -15.01 -17.40 0.02
C LEU A 438 -13.73 -16.80 -0.62
N PHE A 439 -13.24 -15.65 -0.11
CA PHE A 439 -12.01 -15.04 -0.65
C PHE A 439 -10.80 -15.91 -0.32
N ARG A 440 -10.76 -16.47 0.91
CA ARG A 440 -9.68 -17.37 1.33
C ARG A 440 -9.68 -18.64 0.46
N TRP A 441 -10.86 -19.22 0.16
CA TRP A 441 -10.95 -20.41 -0.71
C TRP A 441 -10.43 -20.12 -2.12
N ILE A 442 -10.91 -19.04 -2.75
CA ILE A 442 -10.48 -18.58 -4.08
C ILE A 442 -8.96 -18.37 -4.08
N LEU A 443 -8.43 -17.68 -3.04
CA LEU A 443 -6.99 -17.46 -2.85
C LEU A 443 -6.19 -18.75 -2.74
N THR A 444 -6.60 -19.70 -1.84
CA THR A 444 -5.85 -20.96 -1.65
C THR A 444 -5.90 -21.82 -2.94
N ARG A 445 -7.00 -21.72 -3.74
N ARG A 445 -7.00 -21.72 -3.75
CA ARG A 445 -7.14 -22.43 -5.02
CA ARG A 445 -7.16 -22.41 -5.02
C ARG A 445 -6.21 -21.80 -6.08
C ARG A 445 -6.22 -21.80 -6.07
N VAL A 446 -6.04 -20.45 -6.05
CA VAL A 446 -5.13 -19.72 -6.98
C VAL A 446 -3.70 -20.16 -6.65
N ASN A 447 -3.34 -20.17 -5.35
CA ASN A 447 -2.04 -20.64 -4.88
C ASN A 447 -1.77 -22.12 -5.25
N LYS A 448 -2.84 -22.98 -5.24
CA LYS A 448 -2.82 -24.42 -5.60
C LYS A 448 -2.46 -24.56 -7.09
N ALA A 449 -3.10 -23.71 -7.95
CA ALA A 449 -2.85 -23.65 -9.38
C ALA A 449 -1.43 -23.12 -9.65
N LEU A 450 -0.99 -22.12 -8.85
CA LEU A 450 0.31 -21.49 -9.08
C LEU A 450 1.52 -22.17 -8.39
N ASP A 451 1.33 -23.21 -7.55
CA ASP A 451 2.43 -23.97 -6.91
C ASP A 451 2.22 -25.48 -7.12
N LYS A 452 1.48 -25.82 -8.22
CA LYS A 452 1.10 -27.16 -8.66
C LYS A 452 2.29 -28.03 -9.04
N THR A 453 3.44 -27.39 -9.40
CA THR A 453 4.68 -28.08 -9.80
C THR A 453 5.43 -28.76 -8.65
N LYS A 454 5.13 -28.38 -7.36
CA LYS A 454 5.81 -28.83 -6.13
C LYS A 454 7.32 -28.48 -6.19
N ARG A 455 7.58 -27.24 -6.71
CA ARG A 455 8.87 -26.60 -6.91
C ARG A 455 8.86 -25.30 -6.12
N GLN A 456 9.92 -25.07 -5.33
CA GLN A 456 10.08 -23.90 -4.46
C GLN A 456 11.21 -22.95 -4.94
N GLY A 457 12.09 -23.47 -5.78
CA GLY A 457 13.20 -22.75 -6.40
C GLY A 457 14.38 -22.49 -5.50
N ALA A 458 15.27 -21.63 -5.97
CA ALA A 458 16.47 -21.20 -5.25
C ALA A 458 16.25 -19.80 -4.69
N SER A 459 15.29 -19.07 -5.27
CA SER A 459 15.04 -17.68 -4.85
C SER A 459 13.64 -17.20 -5.15
N PHE A 460 13.32 -16.01 -4.64
CA PHE A 460 12.06 -15.35 -4.93
C PHE A 460 12.22 -13.85 -5.15
N LEU A 461 11.17 -13.24 -5.67
CA LEU A 461 11.06 -11.80 -5.84
C LEU A 461 9.67 -11.49 -5.31
N GLY A 462 9.62 -10.97 -4.09
CA GLY A 462 8.37 -10.59 -3.43
C GLY A 462 7.89 -9.23 -3.91
N ILE A 463 6.57 -9.07 -4.04
CA ILE A 463 5.93 -7.82 -4.50
C ILE A 463 4.87 -7.40 -3.51
N LEU A 464 5.17 -6.39 -2.68
CA LEU A 464 4.22 -5.87 -1.70
C LEU A 464 3.30 -4.82 -2.30
N ASP A 465 1.98 -5.02 -2.16
CA ASP A 465 0.95 -4.06 -2.59
C ASP A 465 -0.08 -3.94 -1.48
N ILE A 466 0.27 -3.24 -0.40
CA ILE A 466 -0.63 -3.05 0.74
C ILE A 466 -1.09 -1.59 0.81
N ALA A 467 -2.23 -1.35 1.52
CA ALA A 467 -2.86 -0.06 1.79
C ALA A 467 -1.90 0.83 2.52
N GLY A 468 -1.78 2.06 2.03
CA GLY A 468 -0.94 3.09 2.62
C GLY A 468 -1.63 3.87 3.72
N PHE A 469 -0.88 4.77 4.37
CA PHE A 469 -1.41 5.57 5.44
C PHE A 469 -2.42 6.61 4.92
N GLU A 470 -3.63 6.65 5.54
CA GLU A 470 -4.68 7.61 5.20
C GLU A 470 -5.50 7.94 6.42
N ILE A 471 -5.65 9.24 6.72
CA ILE A 471 -6.45 9.66 7.86
C ILE A 471 -7.88 9.91 7.37
N PHE A 472 -8.86 9.23 8.00
CA PHE A 472 -10.30 9.31 7.66
C PHE A 472 -11.09 10.07 8.71
N GLU A 473 -12.44 10.17 8.53
CA GLU A 473 -13.31 10.82 9.51
C GLU A 473 -13.43 9.83 10.68
N ILE A 474 -13.66 8.53 10.35
CA ILE A 474 -13.68 7.45 11.34
C ILE A 474 -12.48 6.54 11.08
N ASN A 475 -11.61 6.38 12.10
CA ASN A 475 -10.43 5.52 12.04
C ASN A 475 -10.63 4.43 13.05
N SER A 476 -11.23 3.34 12.61
CA SER A 476 -11.53 2.24 13.50
C SER A 476 -10.32 1.31 13.75
N PHE A 477 -10.59 0.08 14.19
CA PHE A 477 -9.60 -0.93 14.54
C PHE A 477 -8.83 -1.40 13.34
N GLU A 478 -9.44 -1.34 12.14
CA GLU A 478 -8.82 -1.77 10.89
C GLU A 478 -7.78 -0.77 10.46
N GLN A 479 -8.05 0.53 10.67
CA GLN A 479 -7.15 1.64 10.37
C GLN A 479 -5.93 1.55 11.28
N LEU A 480 -6.14 1.18 12.55
CA LEU A 480 -5.04 0.96 13.51
C LEU A 480 -4.04 -0.07 12.94
N CYS A 481 -4.55 -1.21 12.48
CA CYS A 481 -3.78 -2.28 11.88
C CYS A 481 -3.02 -1.83 10.64
N ILE A 482 -3.69 -1.11 9.71
CA ILE A 482 -3.13 -0.53 8.47
C ILE A 482 -2.02 0.50 8.79
N ASN A 483 -2.24 1.34 9.84
CA ASN A 483 -1.32 2.40 10.30
C ASN A 483 -0.17 1.85 11.13
N TYR A 484 -0.40 0.69 11.77
CA TYR A 484 0.61 -0.07 12.54
C TYR A 484 1.57 -0.73 11.52
N THR A 485 1.02 -1.24 10.41
CA THR A 485 1.74 -1.89 9.31
C THR A 485 2.68 -0.88 8.67
N ASN A 486 2.17 0.32 8.35
CA ASN A 486 3.01 1.38 7.75
C ASN A 486 4.08 1.89 8.73
N GLU A 487 3.82 1.87 10.07
CA GLU A 487 4.87 2.22 11.05
C GLU A 487 6.08 1.26 10.92
N LYS A 488 5.84 -0.01 10.50
CA LYS A 488 6.86 -1.04 10.28
C LYS A 488 7.50 -0.91 8.87
N LEU A 489 6.68 -0.62 7.84
CA LEU A 489 7.17 -0.45 6.46
C LEU A 489 8.00 0.86 6.29
N GLN A 490 7.71 1.89 7.10
CA GLN A 490 8.44 3.15 7.04
C GLN A 490 9.72 3.00 7.84
N GLN A 491 9.69 2.19 8.92
CA GLN A 491 10.88 1.91 9.74
C GLN A 491 11.86 1.12 8.86
N LEU A 492 11.32 0.22 7.98
CA LEU A 492 12.12 -0.62 7.07
C LEU A 492 12.83 0.24 6.07
N PHE A 493 12.08 1.12 5.36
CA PHE A 493 12.64 2.06 4.40
C PHE A 493 13.73 2.92 5.08
N ASN A 494 13.37 3.65 6.17
CA ASN A 494 14.28 4.52 6.93
C ASN A 494 15.60 3.80 7.28
N HIS A 495 15.50 2.59 7.86
CA HIS A 495 16.64 1.77 8.24
C HIS A 495 17.42 1.26 7.00
N THR A 496 16.73 0.95 5.86
CA THR A 496 17.40 0.50 4.64
C THR A 496 18.32 1.61 4.11
N MET A 497 17.80 2.85 3.97
CA MET A 497 18.59 4.02 3.53
C MET A 497 19.78 4.21 4.45
N PHE A 498 19.57 4.04 5.78
CA PHE A 498 20.58 4.15 6.84
C PHE A 498 21.73 3.11 6.67
N ILE A 499 21.42 1.88 6.21
CA ILE A 499 22.42 0.83 5.99
C ILE A 499 23.18 1.13 4.70
N LEU A 500 22.45 1.43 3.60
CA LEU A 500 23.04 1.78 2.30
C LEU A 500 24.09 2.91 2.43
N GLU A 501 23.76 3.95 3.24
CA GLU A 501 24.64 5.08 3.53
C GLU A 501 25.79 4.72 4.45
N GLN A 502 25.51 3.98 5.55
CA GLN A 502 26.55 3.50 6.49
C GLN A 502 27.59 2.67 5.73
N GLU A 503 27.14 1.83 4.79
CA GLU A 503 28.03 1.01 3.95
C GLU A 503 28.81 1.88 2.96
N GLU A 504 28.16 2.87 2.32
CA GLU A 504 28.80 3.78 1.36
C GLU A 504 29.88 4.66 2.02
N TYR A 505 29.56 5.23 3.19
CA TYR A 505 30.47 6.06 3.98
C TYR A 505 31.72 5.28 4.42
N GLN A 506 31.53 4.01 4.85
CA GLN A 506 32.57 3.05 5.27
C GLN A 506 33.53 2.71 4.11
N ARG A 507 32.98 2.44 2.90
CA ARG A 507 33.72 2.13 1.67
C ARG A 507 34.67 3.26 1.33
N GLU A 508 34.17 4.50 1.45
CA GLU A 508 34.93 5.71 1.15
C GLU A 508 35.84 6.16 2.30
N GLY A 509 35.63 5.55 3.47
CA GLY A 509 36.40 5.86 4.67
C GLY A 509 36.06 7.20 5.27
N ILE A 510 34.85 7.72 4.99
CA ILE A 510 34.36 9.00 5.51
C ILE A 510 33.50 8.74 6.76
N GLU A 511 33.72 9.57 7.82
CA GLU A 511 33.03 9.50 9.10
C GLU A 511 31.48 9.56 8.99
N TRP A 512 30.80 8.55 9.57
CA TRP A 512 29.34 8.42 9.60
C TRP A 512 28.84 8.47 11.06
N ASN A 513 28.54 9.70 11.56
CA ASN A 513 28.08 9.91 12.93
C ASN A 513 26.56 10.06 13.01
N PHE A 514 25.86 8.95 12.72
CA PHE A 514 24.40 8.86 12.72
C PHE A 514 23.92 7.56 13.37
N ILE A 515 22.76 7.62 14.03
CA ILE A 515 22.09 6.48 14.66
C ILE A 515 20.96 6.03 13.72
N ASP A 516 20.57 4.74 13.81
CA ASP A 516 19.52 4.11 13.02
C ASP A 516 18.35 5.07 12.76
N PHE A 517 18.04 5.32 11.46
CA PHE A 517 16.93 6.22 11.08
C PHE A 517 15.59 5.58 11.35
N GLY A 518 15.59 4.25 11.42
CA GLY A 518 14.42 3.45 11.73
C GLY A 518 13.99 3.52 13.17
N LEU A 519 14.92 3.89 14.10
CA LEU A 519 14.66 3.98 15.55
C LEU A 519 13.66 5.08 15.99
N ASP A 520 13.40 6.08 15.13
CA ASP A 520 12.48 7.19 15.41
C ASP A 520 11.04 6.71 15.49
N LEU A 521 10.71 5.70 14.66
CA LEU A 521 9.41 5.07 14.53
C LEU A 521 9.23 3.96 15.58
N GLN A 522 10.26 3.69 16.39
CA GLN A 522 10.21 2.61 17.37
C GLN A 522 9.27 2.89 18.59
N PRO A 523 9.26 4.07 19.27
CA PRO A 523 8.34 4.22 20.43
C PRO A 523 6.86 4.01 20.09
N CYS A 524 6.44 4.50 18.91
CA CYS A 524 5.08 4.43 18.33
C CYS A 524 4.63 2.98 18.14
N ILE A 525 5.54 2.14 17.65
CA ILE A 525 5.34 0.71 17.42
C ILE A 525 5.10 0.06 18.80
N GLU A 526 5.95 0.40 19.76
CA GLU A 526 5.90 -0.09 21.14
C GLU A 526 4.62 0.33 21.88
N LEU A 527 3.97 1.41 21.42
CA LEU A 527 2.69 1.84 21.98
C LEU A 527 1.58 0.89 21.47
N ILE A 528 1.68 0.42 20.20
CA ILE A 528 0.71 -0.47 19.54
C ILE A 528 0.95 -1.97 19.87
N GLU A 529 2.16 -2.53 19.56
CA GLU A 529 2.45 -3.93 19.88
C GLU A 529 2.72 -4.11 21.39
N ARG A 530 3.98 -4.26 21.79
CA ARG A 530 4.50 -4.50 23.14
C ARG A 530 3.55 -5.31 24.04
N PRO A 531 3.89 -6.60 24.28
CA PRO A 531 3.01 -7.44 25.11
C PRO A 531 2.85 -7.00 26.57
N THR A 532 3.95 -6.66 27.30
CA THR A 532 3.81 -6.23 28.71
C THR A 532 4.90 -5.18 29.07
N ASN A 533 5.25 -5.07 30.41
CA ASN A 533 6.03 -4.01 31.09
C ASN A 533 5.04 -2.86 30.80
N PRO A 534 5.23 -1.84 29.91
CA PRO A 534 4.05 -1.05 29.52
C PRO A 534 3.31 -1.88 28.42
N PRO A 535 2.10 -2.46 28.66
CA PRO A 535 1.45 -3.23 27.59
C PRO A 535 0.84 -2.29 26.57
N GLY A 536 0.96 -2.62 25.29
CA GLY A 536 0.46 -1.80 24.19
C GLY A 536 -1.04 -1.82 23.98
N VAL A 537 -1.51 -0.99 23.01
CA VAL A 537 -2.91 -0.82 22.61
C VAL A 537 -3.59 -2.17 22.35
N LEU A 538 -2.93 -3.06 21.55
CA LEU A 538 -3.47 -4.38 21.19
C LEU A 538 -3.47 -5.30 22.40
N ALA A 539 -2.37 -5.27 23.20
CA ALA A 539 -2.22 -6.10 24.39
C ALA A 539 -3.30 -5.77 25.41
N LEU A 540 -3.65 -4.47 25.56
CA LEU A 540 -4.70 -4.04 26.46
C LEU A 540 -6.10 -4.38 25.90
N LEU A 541 -6.23 -4.53 24.55
CA LEU A 541 -7.50 -4.91 23.92
C LEU A 541 -7.76 -6.36 24.23
N ASP A 542 -6.76 -7.23 23.97
CA ASP A 542 -6.80 -8.68 24.20
C ASP A 542 -7.20 -8.96 25.64
N GLU A 543 -6.63 -8.21 26.61
CA GLU A 543 -6.92 -8.33 28.03
C GLU A 543 -8.32 -7.82 28.37
N GLU A 544 -8.76 -6.72 27.70
CA GLU A 544 -10.07 -6.14 27.95
C GLU A 544 -11.22 -6.99 27.43
N CYS A 545 -10.99 -7.80 26.37
CA CYS A 545 -11.98 -8.70 25.78
C CYS A 545 -12.36 -9.86 26.73
N TRP A 546 -11.50 -10.17 27.71
CA TRP A 546 -11.72 -11.24 28.69
C TRP A 546 -12.55 -10.79 29.89
N PHE A 547 -12.58 -9.46 30.17
CA PHE A 547 -13.36 -8.89 31.29
C PHE A 547 -14.86 -9.07 31.01
N PRO A 548 -15.68 -9.40 32.03
CA PRO A 548 -17.11 -9.63 31.75
C PRO A 548 -17.90 -8.36 31.47
N LYS A 549 -17.85 -7.40 32.41
CA LYS A 549 -18.56 -6.13 32.29
C LYS A 549 -17.94 -5.17 31.24
N ALA A 550 -16.77 -5.55 30.67
CA ALA A 550 -15.97 -4.80 29.69
C ALA A 550 -16.75 -4.13 28.59
N THR A 551 -16.43 -2.84 28.36
CA THR A 551 -17.01 -1.96 27.34
C THR A 551 -15.87 -1.31 26.54
N ASP A 552 -16.22 -0.65 25.41
CA ASP A 552 -15.27 0.07 24.55
C ASP A 552 -14.70 1.27 25.28
N THR A 553 -15.49 1.91 26.15
CA THR A 553 -15.08 3.03 26.99
C THR A 553 -14.17 2.50 28.10
N SER A 554 -14.51 1.31 28.63
CA SER A 554 -13.74 0.59 29.66
C SER A 554 -12.31 0.38 29.15
N PHE A 555 -12.18 -0.13 27.90
CA PHE A 555 -10.91 -0.34 27.23
C PHE A 555 -10.15 0.98 27.17
N VAL A 556 -10.79 2.05 26.68
CA VAL A 556 -10.18 3.38 26.57
C VAL A 556 -9.71 3.89 27.95
N GLU A 557 -10.55 3.77 29.01
CA GLU A 557 -10.19 4.21 30.36
C GLU A 557 -8.89 3.52 30.82
N LYS A 558 -8.78 2.19 30.57
CA LYS A 558 -7.62 1.36 30.92
C LYS A 558 -6.38 1.76 30.10
N LEU A 559 -6.59 2.18 28.84
CA LEU A 559 -5.54 2.64 27.92
C LEU A 559 -4.94 3.95 28.40
N ILE A 560 -5.82 4.90 28.85
CA ILE A 560 -5.41 6.19 29.41
C ILE A 560 -4.58 5.92 30.66
N GLN A 561 -5.09 5.05 31.56
CA GLN A 561 -4.47 4.61 32.80
C GLN A 561 -3.10 3.95 32.62
N GLU A 562 -2.89 3.19 31.50
CA GLU A 562 -1.62 2.49 31.21
C GLU A 562 -0.65 3.24 30.29
N GLN A 563 -1.15 4.00 29.30
CA GLN A 563 -0.33 4.67 28.28
C GLN A 563 -0.51 6.22 28.17
N GLY A 564 -1.30 6.81 29.06
CA GLY A 564 -1.61 8.25 29.07
C GLY A 564 -0.46 9.20 28.82
N ASN A 565 0.70 8.96 29.47
CA ASN A 565 1.85 9.85 29.34
C ASN A 565 2.92 9.34 28.40
N HIS A 566 2.57 8.35 27.56
CA HIS A 566 3.48 7.82 26.55
C HIS A 566 3.67 8.94 25.51
N ALA A 567 4.91 9.13 25.02
CA ALA A 567 5.30 10.18 24.07
C ALA A 567 4.43 10.26 22.81
N LYS A 568 4.04 9.08 22.25
CA LYS A 568 3.24 8.97 21.03
C LYS A 568 1.74 8.78 21.30
N PHE A 569 1.27 9.15 22.51
CA PHE A 569 -0.14 9.11 22.95
C PHE A 569 -0.63 10.51 23.32
N GLN A 570 -1.92 10.75 23.07
CA GLN A 570 -2.62 12.00 23.33
C GLN A 570 -4.10 11.74 23.58
N LYS A 571 -4.65 12.41 24.61
CA LYS A 571 -6.05 12.36 25.02
C LYS A 571 -6.85 13.30 24.07
N SER A 572 -7.95 12.78 23.46
CA SER A 572 -8.83 13.53 22.53
C SER A 572 -9.69 14.66 23.22
N LYS A 573 -10.61 15.31 22.44
CA LYS A 573 -11.54 16.39 22.84
C LYS A 573 -12.54 16.69 21.72
N ASP A 577 -16.84 10.15 21.93
CA ASP A 577 -15.74 10.96 22.46
C ASP A 577 -15.07 10.26 23.66
N LYS A 578 -15.86 9.47 24.43
CA LYS A 578 -15.36 8.70 25.57
C LYS A 578 -14.68 7.43 25.06
N THR A 579 -14.89 7.11 23.75
CA THR A 579 -14.34 5.98 22.99
C THR A 579 -13.14 6.41 22.13
N GLU A 580 -12.95 7.73 21.91
CA GLU A 580 -11.88 8.32 21.11
C GLU A 580 -10.53 8.38 21.86
N PHE A 581 -9.39 8.37 21.11
CA PHE A 581 -7.98 8.47 21.58
C PHE A 581 -7.06 8.78 20.40
N CYS A 582 -5.91 9.43 20.63
CA CYS A 582 -4.99 9.77 19.53
C CYS A 582 -3.65 9.04 19.58
N ILE A 583 -3.05 8.77 18.39
CA ILE A 583 -1.72 8.15 18.22
C ILE A 583 -0.94 8.99 17.21
N LEU A 584 0.29 9.38 17.60
CA LEU A 584 1.17 10.19 16.76
C LEU A 584 2.07 9.32 15.85
N HIS A 585 1.49 8.90 14.72
CA HIS A 585 2.16 8.09 13.70
C HIS A 585 3.17 8.96 12.93
N TYR A 586 4.21 8.34 12.31
CA TYR A 586 5.28 8.99 11.55
C TYR A 586 4.77 10.12 10.65
N ALA A 587 3.64 9.89 9.95
CA ALA A 587 3.04 10.86 9.03
C ALA A 587 2.06 11.82 9.68
N GLY A 588 1.50 11.46 10.84
CA GLY A 588 0.59 12.39 11.53
C GLY A 588 -0.35 11.81 12.56
N LYS A 589 -0.84 12.71 13.48
CA LYS A 589 -1.78 12.38 14.56
C LYS A 589 -3.09 11.87 13.99
N VAL A 590 -3.53 10.69 14.47
CA VAL A 590 -4.73 10.00 14.05
C VAL A 590 -5.64 9.83 15.21
N THR A 591 -6.86 10.35 15.10
CA THR A 591 -7.87 10.18 16.13
C THR A 591 -8.62 8.84 15.89
N TYR A 592 -8.43 7.87 16.78
CA TYR A 592 -9.07 6.56 16.70
C TYR A 592 -10.33 6.52 17.53
N ASN A 593 -11.41 5.92 17.01
CA ASN A 593 -12.65 5.75 17.74
C ASN A 593 -12.74 4.27 18.04
N ALA A 594 -12.76 3.89 19.33
CA ALA A 594 -12.75 2.49 19.74
C ALA A 594 -14.11 1.78 19.78
N SER A 595 -15.13 2.34 19.12
CA SER A 595 -16.49 1.77 19.07
C SER A 595 -16.56 0.37 18.40
N ALA A 596 -17.01 -0.63 19.21
CA ALA A 596 -17.13 -2.05 18.88
C ALA A 596 -15.76 -2.72 18.62
N TRP A 597 -14.70 -2.29 19.30
CA TRP A 597 -13.41 -2.91 19.08
C TRP A 597 -13.37 -4.22 19.80
N LEU A 598 -13.90 -4.23 21.01
CA LEU A 598 -13.94 -5.44 21.82
C LEU A 598 -14.57 -6.56 20.98
N THR A 599 -15.68 -6.23 20.29
CA THR A 599 -16.42 -7.10 19.39
C THR A 599 -15.55 -7.47 18.17
N LYS A 600 -14.86 -6.48 17.54
CA LYS A 600 -14.03 -6.66 16.35
C LYS A 600 -12.82 -7.54 16.62
N ASN A 601 -12.30 -7.49 17.83
CA ASN A 601 -11.13 -8.26 18.22
C ASN A 601 -11.53 -9.70 18.50
N MET A 602 -12.77 -9.88 18.97
CA MET A 602 -13.31 -11.19 19.29
C MET A 602 -13.85 -11.92 18.08
N ASP A 603 -14.42 -11.15 17.13
CA ASP A 603 -15.05 -11.61 15.90
C ASP A 603 -16.03 -12.79 16.14
N PRO A 604 -17.10 -12.60 16.96
CA PRO A 604 -18.02 -13.73 17.21
C PRO A 604 -18.95 -14.06 16.04
N LEU A 605 -19.30 -15.37 15.92
CA LEU A 605 -20.24 -15.97 14.95
C LEU A 605 -21.13 -16.90 15.73
N ASN A 606 -22.39 -17.05 15.29
CA ASN A 606 -23.35 -17.98 15.92
C ASN A 606 -22.87 -19.43 15.65
N ASP A 607 -22.33 -20.07 16.71
CA ASP A 607 -21.81 -21.45 16.78
C ASP A 607 -22.76 -22.51 16.16
N ASN A 608 -24.07 -22.41 16.45
CA ASN A 608 -25.15 -23.24 15.92
C ASN A 608 -25.21 -23.25 14.35
N VAL A 609 -25.26 -22.06 13.69
CA VAL A 609 -25.38 -21.97 12.23
C VAL A 609 -24.05 -22.34 11.55
N THR A 610 -22.91 -21.88 12.10
CA THR A 610 -21.60 -22.28 11.58
C THR A 610 -21.48 -23.80 11.56
N SER A 611 -22.07 -24.50 12.56
CA SER A 611 -22.06 -25.96 12.63
C SER A 611 -22.87 -26.62 11.53
N LEU A 612 -24.08 -26.09 11.25
CA LEU A 612 -24.98 -26.57 10.21
C LEU A 612 -24.30 -26.46 8.86
N LEU A 613 -23.62 -25.33 8.63
CA LEU A 613 -22.89 -25.05 7.41
C LEU A 613 -21.68 -25.98 7.27
N ASN A 614 -21.06 -26.34 8.40
CA ASN A 614 -19.93 -27.26 8.44
C ASN A 614 -20.39 -28.64 7.97
N GLN A 615 -21.67 -28.97 8.21
CA GLN A 615 -22.30 -30.23 7.81
C GLN A 615 -23.31 -30.04 6.66
N SER A 616 -23.07 -29.04 5.76
CA SER A 616 -23.89 -28.71 4.58
C SER A 616 -24.03 -29.89 3.59
N SER A 617 -25.15 -29.97 2.83
CA SER A 617 -25.35 -31.04 1.84
C SER A 617 -24.55 -30.76 0.56
N ASP A 618 -24.12 -29.49 0.40
CA ASP A 618 -23.31 -28.96 -0.69
C ASP A 618 -21.82 -29.06 -0.28
N LYS A 619 -21.03 -29.91 -1.00
CA LYS A 619 -19.60 -30.20 -0.80
C LYS A 619 -18.73 -28.95 -0.75
N PHE A 620 -19.01 -27.96 -1.62
CA PHE A 620 -18.28 -26.69 -1.65
C PHE A 620 -18.53 -25.86 -0.38
N VAL A 621 -19.84 -25.62 -0.03
CA VAL A 621 -20.23 -24.88 1.19
C VAL A 621 -19.58 -25.56 2.38
N ALA A 622 -19.68 -26.90 2.47
CA ALA A 622 -19.05 -27.70 3.53
C ALA A 622 -17.54 -27.43 3.63
N ASP A 623 -16.83 -27.37 2.47
CA ASP A 623 -15.39 -27.06 2.43
C ASP A 623 -15.11 -25.67 2.99
N LEU A 624 -16.02 -24.70 2.77
CA LEU A 624 -15.86 -23.35 3.29
C LEU A 624 -15.84 -23.34 4.83
N TRP A 625 -16.72 -24.12 5.44
CA TRP A 625 -16.84 -24.18 6.90
C TRP A 625 -16.20 -25.42 7.48
N LYS A 626 -15.14 -25.94 6.82
CA LYS A 626 -14.35 -27.11 7.19
C LYS A 626 -13.77 -27.02 8.62
N ASP A 627 -13.72 -25.81 9.19
CA ASP A 627 -13.17 -25.46 10.50
C ASP A 627 -14.19 -24.70 11.37
N ARG A 657 -5.37 -16.17 19.69
CA ARG A 657 -6.74 -16.36 19.21
C ARG A 657 -7.44 -15.09 18.68
N THR A 658 -7.09 -13.90 19.20
CA THR A 658 -7.74 -12.64 18.76
C THR A 658 -7.36 -12.24 17.35
N VAL A 659 -8.20 -11.37 16.75
CA VAL A 659 -8.00 -10.79 15.41
C VAL A 659 -6.73 -9.92 15.45
N GLY A 660 -6.52 -9.22 16.57
CA GLY A 660 -5.35 -8.40 16.82
C GLY A 660 -4.07 -9.22 16.92
N GLN A 661 -4.11 -10.35 17.68
CA GLN A 661 -2.96 -11.26 17.86
C GLN A 661 -2.60 -11.93 16.53
N LEU A 662 -3.63 -12.40 15.78
CA LEU A 662 -3.46 -13.05 14.49
C LEU A 662 -2.85 -12.07 13.50
N TYR A 663 -3.36 -10.82 13.41
CA TYR A 663 -2.74 -9.84 12.51
C TYR A 663 -1.28 -9.48 12.89
N LYS A 664 -0.96 -9.30 14.20
CA LYS A 664 0.43 -9.08 14.65
C LYS A 664 1.35 -10.21 14.10
N GLU A 665 0.87 -11.49 14.14
CA GLU A 665 1.59 -12.66 13.62
C GLU A 665 1.87 -12.53 12.11
N GLN A 666 0.83 -12.19 11.33
CA GLN A 666 0.92 -11.94 9.89
C GLN A 666 1.97 -10.88 9.59
N LEU A 667 1.99 -9.77 10.37
CA LEU A 667 2.94 -8.68 10.20
C LEU A 667 4.35 -9.07 10.59
N THR A 668 4.51 -9.93 11.65
CA THR A 668 5.83 -10.37 12.12
C THR A 668 6.45 -11.21 11.00
N LYS A 669 5.68 -12.17 10.50
CA LYS A 669 6.03 -13.07 9.40
C LYS A 669 6.34 -12.28 8.12
N LEU A 670 5.57 -11.20 7.77
CA LEU A 670 5.85 -10.37 6.59
C LEU A 670 7.11 -9.56 6.78
N MET A 671 7.26 -8.92 7.96
CA MET A 671 8.45 -8.13 8.26
C MET A 671 9.70 -9.00 8.25
N THR A 672 9.64 -10.19 8.90
CA THR A 672 10.74 -11.17 8.90
C THR A 672 11.14 -11.52 7.44
N THR A 673 10.12 -11.73 6.54
CA THR A 673 10.35 -12.00 5.12
C THR A 673 11.13 -10.82 4.55
N LEU A 674 10.48 -9.64 4.41
CA LEU A 674 11.07 -8.40 3.88
C LEU A 674 12.48 -8.07 4.40
N ARG A 675 12.75 -8.33 5.70
CA ARG A 675 14.03 -8.06 6.34
C ARG A 675 15.17 -8.94 5.82
N ASN A 676 14.83 -10.08 5.22
CA ASN A 676 15.81 -11.01 4.65
C ASN A 676 15.85 -11.02 3.11
N THR A 677 15.41 -9.89 2.47
CA THR A 677 15.39 -9.64 1.03
C THR A 677 16.04 -8.28 0.81
N ASN A 678 16.61 -8.00 -0.39
CA ASN A 678 17.14 -6.67 -0.73
C ASN A 678 15.94 -5.82 -1.24
N PRO A 679 15.55 -4.76 -0.50
CA PRO A 679 14.34 -4.02 -0.90
C PRO A 679 14.56 -2.88 -1.88
N ASN A 680 13.58 -2.75 -2.79
CA ASN A 680 13.48 -1.75 -3.84
C ASN A 680 12.21 -0.98 -3.56
N PHE A 681 12.34 0.33 -3.37
CA PHE A 681 11.18 1.14 -3.04
C PHE A 681 10.60 1.87 -4.23
N VAL A 682 9.28 1.76 -4.41
CA VAL A 682 8.51 2.37 -5.50
C VAL A 682 7.38 3.17 -4.86
N ARG A 683 7.67 4.43 -4.55
CA ARG A 683 6.74 5.35 -3.90
C ARG A 683 5.74 5.90 -4.89
N CYS A 684 4.47 5.53 -4.75
CA CYS A 684 3.38 5.99 -5.62
C CYS A 684 2.75 7.26 -5.09
N ILE A 685 2.54 8.25 -5.99
CA ILE A 685 1.95 9.56 -5.72
C ILE A 685 0.68 9.74 -6.58
N ILE A 686 -0.45 10.14 -5.95
CA ILE A 686 -1.74 10.47 -6.59
C ILE A 686 -1.66 11.97 -6.99
N PRO A 687 -1.85 12.37 -8.27
CA PRO A 687 -1.67 13.79 -8.61
C PRO A 687 -2.74 14.68 -8.00
N ASN A 688 -4.00 14.21 -8.02
CA ASN A 688 -5.17 14.92 -7.55
C ASN A 688 -6.25 14.01 -6.96
N HIS A 689 -7.16 14.63 -6.17
CA HIS A 689 -8.27 13.98 -5.52
C HIS A 689 -9.55 14.11 -6.37
N GLU A 690 -9.35 14.25 -7.67
CA GLU A 690 -10.42 14.39 -8.64
C GLU A 690 -10.51 13.20 -9.62
N LYS A 691 -9.41 12.42 -9.77
CA LYS A 691 -9.26 11.29 -10.70
C LYS A 691 -9.12 11.86 -12.13
N ARG A 692 -8.32 12.95 -12.25
CA ARG A 692 -8.04 13.72 -13.48
C ARG A 692 -6.61 13.56 -14.05
N ALA A 693 -6.51 13.63 -15.40
CA ALA A 693 -5.24 13.60 -16.11
C ALA A 693 -4.73 15.04 -16.29
N GLY A 694 -3.41 15.20 -16.29
CA GLY A 694 -2.72 16.48 -16.48
C GLY A 694 -3.08 17.58 -15.52
N LYS A 695 -3.43 17.21 -14.27
CA LYS A 695 -3.76 18.11 -13.17
C LYS A 695 -2.89 17.63 -11.99
N LEU A 696 -1.88 18.40 -11.60
CA LEU A 696 -0.98 18.03 -10.50
C LEU A 696 -1.28 18.99 -9.34
N ASP A 697 -1.77 18.47 -8.23
CA ASP A 697 -2.09 19.27 -7.05
C ASP A 697 -0.79 19.34 -6.22
N ALA A 698 -0.06 20.45 -6.40
CA ALA A 698 1.23 20.71 -5.79
C ALA A 698 1.26 20.40 -4.30
N HIS A 699 0.41 21.08 -3.49
CA HIS A 699 0.32 20.87 -2.03
C HIS A 699 -0.07 19.45 -1.60
N LEU A 700 -0.81 18.72 -2.44
CA LEU A 700 -1.16 17.33 -2.16
C LEU A 700 0.01 16.41 -2.52
N VAL A 701 0.79 16.72 -3.62
CA VAL A 701 2.00 15.96 -3.97
C VAL A 701 3.06 16.19 -2.84
N LEU A 702 3.17 17.46 -2.32
CA LEU A 702 4.05 17.83 -1.21
C LEU A 702 3.70 17.05 0.04
N GLU A 703 2.41 16.93 0.37
CA GLU A 703 1.87 16.20 1.53
C GLU A 703 2.24 14.69 1.53
N GLN A 704 2.40 14.11 0.32
CA GLN A 704 2.77 12.70 0.12
C GLN A 704 4.25 12.47 0.22
N LEU A 705 5.08 13.45 -0.20
CA LEU A 705 6.53 13.33 -0.10
C LEU A 705 7.00 13.46 1.36
N ARG A 706 6.19 14.14 2.19
CA ARG A 706 6.44 14.33 3.63
C ARG A 706 6.18 13.00 4.31
N CYS A 707 5.04 12.42 3.99
CA CYS A 707 4.47 11.18 4.48
C CYS A 707 5.33 9.98 4.10
N ASN A 708 5.85 9.97 2.86
CA ASN A 708 6.71 8.94 2.28
C ASN A 708 8.07 8.86 2.94
N GLY A 709 8.53 9.97 3.48
CA GLY A 709 9.86 10.05 4.05
C GLY A 709 10.80 10.85 3.17
N VAL A 710 10.37 11.14 1.91
CA VAL A 710 11.10 11.93 0.89
C VAL A 710 11.58 13.26 1.45
N LEU A 711 10.70 14.01 2.16
CA LEU A 711 11.07 15.32 2.72
C LEU A 711 12.03 15.20 3.90
N GLU A 712 11.93 14.14 4.73
CA GLU A 712 12.89 13.88 5.81
C GLU A 712 14.27 13.54 5.15
N GLY A 713 14.24 12.77 4.06
CA GLY A 713 15.40 12.42 3.27
C GLY A 713 16.12 13.63 2.71
N ILE A 714 15.36 14.53 2.06
CA ILE A 714 15.91 15.78 1.51
C ILE A 714 16.67 16.52 2.64
N ARG A 715 16.04 16.68 3.83
CA ARG A 715 16.64 17.29 5.02
C ARG A 715 17.95 16.59 5.44
N ILE A 716 17.94 15.26 5.72
CA ILE A 716 19.12 14.48 6.14
C ILE A 716 20.30 14.64 5.15
N CYS A 717 20.04 14.51 3.82
CA CYS A 717 21.09 14.67 2.80
C CYS A 717 21.58 16.12 2.65
N ARG A 718 20.77 17.11 3.06
CA ARG A 718 21.19 18.52 3.04
C ARG A 718 22.24 18.68 4.16
N GLN A 719 21.94 18.08 5.35
CA GLN A 719 22.79 18.05 6.57
C GLN A 719 24.19 17.46 6.31
N GLY A 720 24.25 16.39 5.52
CA GLY A 720 25.49 15.70 5.21
C GLY A 720 26.15 16.15 3.92
N PHE A 721 26.42 15.18 3.04
CA PHE A 721 27.11 15.35 1.76
C PHE A 721 26.25 14.80 0.63
N PRO A 722 25.39 15.62 -0.02
CA PRO A 722 24.49 15.08 -1.06
C PRO A 722 25.14 14.72 -2.40
N ASN A 723 26.17 15.48 -2.82
CA ASN A 723 26.83 15.23 -4.09
C ASN A 723 28.18 14.55 -3.94
N ARG A 724 28.32 13.40 -4.60
CA ARG A 724 29.53 12.57 -4.60
C ARG A 724 29.92 12.27 -6.06
N ILE A 725 31.12 12.73 -6.47
CA ILE A 725 31.63 12.59 -7.84
C ILE A 725 32.96 11.84 -7.92
N VAL A 726 33.10 10.88 -8.88
CA VAL A 726 34.36 10.13 -9.10
C VAL A 726 35.45 11.06 -9.65
N PHE A 727 36.70 10.81 -9.26
CA PHE A 727 37.89 11.59 -9.63
C PHE A 727 38.05 11.82 -11.15
N GLN A 728 37.85 10.77 -11.97
CA GLN A 728 37.95 10.87 -13.43
C GLN A 728 36.84 11.74 -14.03
N GLU A 729 35.64 11.73 -13.37
CA GLU A 729 34.48 12.51 -13.77
C GLU A 729 34.59 13.95 -13.25
N PHE A 730 35.28 14.17 -12.11
CA PHE A 730 35.49 15.51 -11.54
C PHE A 730 36.47 16.29 -12.39
N ARG A 731 37.57 15.62 -12.79
CA ARG A 731 38.61 16.19 -13.63
C ARG A 731 38.08 16.52 -15.03
N GLN A 732 37.44 15.54 -15.71
CA GLN A 732 36.86 15.71 -17.06
C GLN A 732 35.78 16.80 -17.12
N ARG A 733 34.97 16.92 -16.04
CA ARG A 733 33.89 17.89 -15.94
C ARG A 733 34.39 19.30 -15.64
N TYR A 734 35.31 19.45 -14.65
CA TYR A 734 35.78 20.78 -14.24
C TYR A 734 37.27 21.05 -14.53
N GLU A 735 37.77 20.56 -15.67
CA GLU A 735 39.17 20.80 -16.09
C GLU A 735 39.36 22.27 -16.45
N ILE A 736 38.36 22.85 -17.13
CA ILE A 736 38.31 24.23 -17.63
C ILE A 736 38.63 25.29 -16.58
N LEU A 737 38.02 25.20 -15.38
CA LEU A 737 38.20 26.14 -14.27
C LEU A 737 39.64 26.14 -13.73
N ALA A 738 40.09 24.99 -13.19
CA ALA A 738 41.45 24.83 -12.68
C ALA A 738 42.30 24.22 -13.82
N ALA A 739 42.72 25.10 -14.75
CA ALA A 739 43.52 24.72 -15.93
C ALA A 739 44.99 24.56 -15.57
N ASN A 740 45.48 25.42 -14.67
CA ASN A 740 46.87 25.49 -14.21
C ASN A 740 47.29 24.34 -13.29
N ALA A 741 46.38 23.87 -12.42
CA ALA A 741 46.59 22.82 -11.41
C ALA A 741 47.02 21.45 -11.96
N ILE A 742 46.55 21.10 -13.18
CA ILE A 742 46.84 19.84 -13.85
C ILE A 742 48.12 19.97 -14.72
N PRO A 743 49.31 19.50 -14.24
CA PRO A 743 50.52 19.63 -15.08
C PRO A 743 50.52 18.61 -16.22
N LYS A 744 51.23 18.93 -17.31
CA LYS A 744 51.33 18.09 -18.51
C LYS A 744 52.07 16.77 -18.20
N GLY A 745 51.28 15.70 -18.07
CA GLY A 745 51.76 14.36 -17.75
C GLY A 745 50.71 13.50 -17.09
N PHE A 746 51.03 12.20 -16.89
CA PHE A 746 50.15 11.22 -16.23
C PHE A 746 50.21 11.40 -14.73
N MET A 747 49.02 11.40 -14.09
CA MET A 747 48.87 11.56 -12.65
C MET A 747 47.57 10.95 -12.14
N ASP A 748 47.67 10.30 -10.97
CA ASP A 748 46.60 9.64 -10.18
C ASP A 748 45.35 10.52 -10.10
N GLY A 749 44.17 9.91 -10.24
CA GLY A 749 42.89 10.61 -10.19
C GLY A 749 42.71 11.41 -8.93
N LYS A 750 42.88 10.73 -7.77
CA LYS A 750 42.81 11.29 -6.41
C LYS A 750 43.78 12.46 -6.24
N GLN A 751 45.03 12.30 -6.72
CA GLN A 751 46.09 13.32 -6.67
C GLN A 751 45.76 14.56 -7.51
N ALA A 752 45.24 14.34 -8.75
CA ALA A 752 44.87 15.40 -9.70
C ALA A 752 43.85 16.35 -9.13
N CYS A 753 42.79 15.80 -8.53
CA CYS A 753 41.69 16.56 -7.96
C CYS A 753 42.10 17.39 -6.77
N ILE A 754 42.95 16.83 -5.88
CA ILE A 754 43.47 17.54 -4.68
C ILE A 754 43.99 18.94 -5.07
N LEU A 755 44.74 19.02 -6.19
CA LEU A 755 45.34 20.25 -6.71
C LEU A 755 44.34 21.23 -7.30
N MET A 756 43.29 20.70 -7.98
CA MET A 756 42.21 21.51 -8.55
C MET A 756 41.46 22.16 -7.40
N ILE A 757 41.21 21.36 -6.34
CA ILE A 757 40.53 21.74 -5.11
C ILE A 757 41.33 22.86 -4.40
N LYS A 758 42.68 22.69 -4.31
CA LYS A 758 43.63 23.65 -3.72
C LYS A 758 43.72 24.94 -4.53
N ALA A 759 43.61 24.85 -5.87
CA ALA A 759 43.63 25.98 -6.79
C ALA A 759 42.33 26.79 -6.66
N LEU A 760 41.20 26.11 -6.36
CA LEU A 760 39.86 26.68 -6.17
C LEU A 760 39.67 27.34 -4.81
N GLU A 761 40.63 27.12 -3.87
CA GLU A 761 40.64 27.60 -2.49
C GLU A 761 39.33 27.26 -1.75
N LEU A 762 38.96 25.97 -1.84
CA LEU A 762 37.77 25.38 -1.24
C LEU A 762 37.97 25.14 0.26
N ASP A 763 36.96 25.50 1.06
CA ASP A 763 36.96 25.35 2.52
C ASP A 763 37.01 23.86 2.89
N PRO A 764 37.97 23.43 3.75
CA PRO A 764 38.08 22.00 4.10
C PRO A 764 36.89 21.37 4.83
N ASN A 765 35.84 22.17 5.12
CA ASN A 765 34.61 21.71 5.75
C ASN A 765 33.58 21.38 4.66
N LEU A 766 33.69 22.04 3.51
CA LEU A 766 32.81 21.88 2.36
C LEU A 766 33.00 20.56 1.58
N TYR A 767 34.22 19.94 1.64
CA TYR A 767 34.56 18.70 0.93
C TYR A 767 35.15 17.61 1.83
N ARG A 768 35.18 16.35 1.33
CA ARG A 768 35.79 15.18 1.97
C ARG A 768 36.29 14.27 0.85
N ILE A 769 37.60 14.02 0.81
CA ILE A 769 38.19 13.15 -0.22
C ILE A 769 38.08 11.68 0.20
N GLY A 770 37.36 10.93 -0.61
CA GLY A 770 37.11 9.50 -0.41
C GLY A 770 38.06 8.61 -1.18
N GLN A 771 37.80 7.30 -1.15
CA GLN A 771 38.64 6.32 -1.82
C GLN A 771 38.45 6.28 -3.34
N SER A 772 37.28 6.72 -3.86
CA SER A 772 36.98 6.73 -5.30
C SER A 772 36.15 7.95 -5.74
N LYS A 773 35.33 8.52 -4.83
CA LYS A 773 34.47 9.67 -5.07
C LYS A 773 34.77 10.78 -4.07
N ILE A 774 34.57 12.05 -4.45
CA ILE A 774 34.75 13.24 -3.58
C ILE A 774 33.36 13.60 -3.02
N PHE A 775 33.26 13.76 -1.70
CA PHE A 775 32.00 14.08 -1.02
C PHE A 775 31.88 15.58 -0.78
N PHE A 776 30.81 16.20 -1.31
CA PHE A 776 30.58 17.64 -1.18
C PHE A 776 29.32 18.03 -0.41
N ARG A 777 29.38 19.15 0.35
CA ARG A 777 28.22 19.70 1.04
C ARG A 777 27.28 20.32 -0.04
N THR A 778 26.01 20.61 0.30
CA THR A 778 25.03 21.12 -0.69
C THR A 778 25.34 22.55 -1.18
N GLY A 779 25.24 22.73 -2.50
CA GLY A 779 25.46 24.00 -3.18
C GLY A 779 26.91 24.36 -3.47
N VAL A 780 27.84 23.46 -3.15
CA VAL A 780 29.28 23.63 -3.39
C VAL A 780 29.55 23.45 -4.88
N LEU A 781 28.92 22.43 -5.50
CA LEU A 781 29.05 22.15 -6.94
C LEU A 781 28.24 23.10 -7.81
N ALA A 782 27.22 23.77 -7.24
CA ALA A 782 26.37 24.75 -7.92
C ALA A 782 27.19 26.02 -8.16
N HIS A 783 28.03 26.38 -7.17
CA HIS A 783 28.94 27.51 -7.21
C HIS A 783 29.95 27.26 -8.32
N LEU A 784 30.45 26.01 -8.43
CA LEU A 784 31.37 25.52 -9.45
C LEU A 784 30.79 25.61 -10.88
N GLU A 785 29.43 25.52 -10.99
CA GLU A 785 28.70 25.61 -12.27
C GLU A 785 28.71 27.05 -12.79
N GLU A 786 29.71 27.32 -13.65
CA GLU A 786 30.00 28.63 -14.26
C GLU A 786 30.83 28.47 -15.56
N GLU A 787 30.61 29.39 -16.52
CA GLU A 787 31.30 29.46 -17.80
C GLU A 787 31.96 30.83 -18.00
#